data_9EZW
#
_entry.id   9EZW
#
_cell.length_a   60.867
_cell.length_b   129.941
_cell.length_c   144.284
_cell.angle_alpha   90.000
_cell.angle_beta   90.000
_cell.angle_gamma   90.000
#
_symmetry.space_group_name_H-M   'P 21 21 21'
#
loop_
_entity.id
_entity.type
_entity.pdbx_description
1 polymer 'V-set and immunoglobulin domain-containing protein 4'
2 polymer 'single-domain antibody VHH_h3'
3 non-polymer 1,2-ETHANEDIOL
4 non-polymer DI(HYDROXYETHYL)ETHER
5 water water
#
loop_
_entity_poly.entity_id
_entity_poly.type
_entity_poly.pdbx_seq_one_letter_code
_entity_poly.pdbx_strand_id
1 'polypeptide(L)'
;RPILEVPESVTGPWKGDVNLPCTYDPLQGYTQVLVKWLVQRGSDPVTIFLRDSSGDHIQQAKYQGRLHVSHKVPGDVSLQ
LSTLEMDDRSHYTCEVTWQTPDGNQVVRDKITELRVQKAAAHHHHHH
;
A,C,E,G
2 'polypeptide(L)'
;QVQLVESGGGLVQAGGSLRLSCAASGRTFSSYGMGWFRQAPGKEREFVAAIGPFGGTTYYADSVKGRFTISRDNAKNTVY
LQMNSLKPEDTAVYYCAAGRWNRYGEQDQYNYEYWGQGTQVTVSSAAAHHHHHH
;
B,D,F,H
#
loop_
_chem_comp.id
_chem_comp.type
_chem_comp.name
_chem_comp.formula
EDO non-polymer 1,2-ETHANEDIOL 'C2 H6 O2'
PEG non-polymer DI(HYDROXYETHYL)ETHER 'C4 H10 O3'
#
# COMPACT_ATOMS: atom_id res chain seq x y z
N ARG A 1 -10.88 23.87 -5.13
CA ARG A 1 -9.70 24.67 -5.46
C ARG A 1 -8.45 23.80 -5.27
N PRO A 2 -7.30 24.26 -5.77
CA PRO A 2 -6.07 23.51 -5.54
C PRO A 2 -5.64 23.57 -4.08
N ILE A 3 -4.83 22.58 -3.69
CA ILE A 3 -4.26 22.46 -2.36
C ILE A 3 -2.77 22.19 -2.52
N LEU A 4 -1.95 23.01 -1.88
CA LEU A 4 -0.52 22.77 -1.87
C LEU A 4 -0.17 21.79 -0.77
N GLU A 5 0.69 20.83 -1.09
CA GLU A 5 1.16 19.83 -0.14
C GLU A 5 2.61 20.17 0.19
N VAL A 6 2.86 20.53 1.45
CA VAL A 6 4.17 20.95 1.96
C VAL A 6 4.31 20.37 3.36
N PRO A 7 5.37 19.63 3.69
CA PRO A 7 5.51 19.10 5.05
C PRO A 7 5.68 20.21 6.05
N GLU A 8 5.30 19.91 7.29
CA GLU A 8 5.41 20.87 8.37
C GLU A 8 6.86 21.30 8.59
N SER A 9 7.79 20.35 8.53
CA SER A 9 9.20 20.70 8.70
C SER A 9 10.07 19.83 7.82
N VAL A 10 11.28 20.33 7.59
CA VAL A 10 12.30 19.65 6.81
C VAL A 10 13.64 19.90 7.50
N THR A 11 14.47 18.87 7.60
CA THR A 11 15.81 19.01 8.18
C THR A 11 16.85 18.63 7.14
N GLY A 12 17.80 19.54 6.91
CA GLY A 12 18.91 19.28 6.02
C GLY A 12 20.23 19.38 6.74
N PRO A 13 21.28 18.78 6.18
CA PRO A 13 22.59 18.80 6.86
C PRO A 13 23.34 20.10 6.62
N TRP A 14 24.02 20.56 7.67
CA TRP A 14 24.89 21.72 7.55
C TRP A 14 25.90 21.53 6.41
N LYS A 15 26.06 22.57 5.60
CA LYS A 15 26.95 22.55 4.43
C LYS A 15 26.53 21.53 3.39
N GLY A 16 25.31 21.01 3.48
CA GLY A 16 24.80 20.11 2.46
C GLY A 16 23.63 20.65 1.68
N ASP A 17 22.91 19.75 1.01
CA ASP A 17 21.77 20.09 0.16
C ASP A 17 20.49 19.62 0.82
N VAL A 18 19.38 20.28 0.47
CA VAL A 18 18.07 19.87 0.96
C VAL A 18 17.03 20.27 -0.08
N ASN A 19 15.91 19.56 -0.09
CA ASN A 19 14.77 19.87 -0.93
C ASN A 19 13.59 20.24 -0.04
N LEU A 20 12.93 21.37 -0.35
CA LEU A 20 11.71 21.78 0.34
C LEU A 20 10.52 21.41 -0.52
N PRO A 21 9.81 20.33 -0.21
CA PRO A 21 8.76 19.86 -1.12
C PRO A 21 7.56 20.78 -1.15
N CYS A 22 7.03 20.99 -2.34
CA CYS A 22 5.80 21.75 -2.53
C CYS A 22 5.16 21.20 -3.80
N THR A 23 4.05 20.48 -3.64
CA THR A 23 3.41 19.82 -4.77
C THR A 23 1.91 20.03 -4.69
N TYR A 24 1.26 19.85 -5.84
CA TYR A 24 -0.20 19.91 -5.91
C TYR A 24 -0.68 19.13 -7.13
N ASP A 25 -1.91 18.63 -7.06
CA ASP A 25 -2.54 17.99 -8.21
C ASP A 25 -3.11 19.09 -9.12
N PRO A 26 -2.60 19.25 -10.33
CA PRO A 26 -3.15 20.29 -11.21
C PRO A 26 -4.60 20.02 -11.54
N LEU A 27 -5.41 21.07 -11.50
CA LEU A 27 -6.84 21.01 -11.75
C LEU A 27 -7.10 21.41 -13.19
N GLN A 28 -8.06 20.74 -13.82
CA GLN A 28 -8.42 21.06 -15.19
C GLN A 28 -8.90 22.51 -15.28
N GLY A 29 -8.46 23.20 -16.34
CA GLY A 29 -8.77 24.59 -16.54
C GLY A 29 -7.95 25.57 -15.74
N TYR A 30 -7.08 25.10 -14.84
CA TYR A 30 -6.21 25.99 -14.07
C TYR A 30 -4.85 26.06 -14.73
N THR A 31 -4.42 27.28 -15.06
CA THR A 31 -3.10 27.52 -15.59
C THR A 31 -2.23 28.20 -14.53
N GLN A 32 -1.14 27.54 -14.18
CA GLN A 32 -0.16 28.12 -13.27
C GLN A 32 0.49 29.35 -13.90
N VAL A 33 0.44 30.49 -13.21
CA VAL A 33 1.02 31.72 -13.76
C VAL A 33 2.11 32.31 -12.87
N LEU A 34 2.23 31.90 -11.62
CA LEU A 34 3.26 32.48 -10.76
C LEU A 34 3.64 31.47 -9.71
N VAL A 35 4.94 31.30 -9.49
CA VAL A 35 5.41 30.53 -8.35
C VAL A 35 6.38 31.40 -7.58
N LYS A 36 6.15 31.53 -6.27
CA LYS A 36 7.10 32.22 -5.41
C LYS A 36 7.46 31.36 -4.21
N TRP A 37 8.73 31.44 -3.81
CA TRP A 37 9.16 30.98 -2.50
C TRP A 37 9.56 32.21 -1.69
N LEU A 38 9.09 32.27 -0.45
CA LEU A 38 9.35 33.40 0.44
C LEU A 38 9.93 32.91 1.76
N VAL A 39 10.90 33.65 2.29
CA VAL A 39 11.42 33.37 3.63
C VAL A 39 10.76 34.33 4.62
N GLN A 40 10.42 33.81 5.81
CA GLN A 40 9.69 34.63 6.78
C GLN A 40 10.65 35.44 7.64
N ARG A 41 10.40 36.74 7.72
CA ARG A 41 11.20 37.68 8.52
C ARG A 41 10.22 38.37 9.48
N GLY A 42 10.02 37.77 10.65
CA GLY A 42 9.04 38.32 11.56
C GLY A 42 7.66 38.26 10.94
N SER A 43 6.97 39.39 10.88
CA SER A 43 5.66 39.45 10.26
C SER A 43 5.72 39.48 8.73
N ASP A 44 6.90 39.69 8.14
CA ASP A 44 7.00 40.01 6.72
C ASP A 44 7.61 38.88 5.91
N PRO A 45 6.87 38.22 5.04
CA PRO A 45 7.49 37.31 4.08
C PRO A 45 8.33 38.10 3.08
N VAL A 46 9.43 37.51 2.65
CA VAL A 46 10.34 38.16 1.69
C VAL A 46 10.64 37.17 0.57
N THR A 47 10.35 37.59 -0.67
CA THR A 47 10.51 36.70 -1.82
C THR A 47 11.98 36.42 -2.06
N ILE A 48 12.34 35.13 -2.13
CA ILE A 48 13.68 34.73 -2.53
C ILE A 48 13.72 34.16 -3.93
N PHE A 49 12.59 33.72 -4.48
CA PHE A 49 12.55 33.12 -5.81
C PHE A 49 11.19 33.39 -6.44
N LEU A 50 11.19 33.69 -7.73
CA LEU A 50 9.97 33.98 -8.47
C LEU A 50 10.07 33.31 -9.83
N ARG A 51 9.01 32.58 -10.22
CA ARG A 51 8.86 32.04 -11.57
C ARG A 51 7.59 32.59 -12.20
N ASP A 52 7.72 33.20 -13.38
CA ASP A 52 6.55 33.62 -14.15
C ASP A 52 6.79 33.29 -15.61
N SER A 53 6.01 33.94 -16.49
CA SER A 53 6.10 33.74 -17.94
C SER A 53 7.51 33.95 -18.47
N SER A 54 8.27 34.87 -17.85
CA SER A 54 9.60 35.23 -18.33
C SER A 54 10.70 34.29 -17.84
N GLY A 55 10.40 33.37 -16.94
CA GLY A 55 11.44 32.49 -16.44
C GLY A 55 11.64 32.58 -14.95
N ASP A 56 12.79 32.12 -14.47
CA ASP A 56 13.10 32.03 -13.05
C ASP A 56 13.90 33.25 -12.62
N HIS A 57 13.69 33.69 -11.38
CA HIS A 57 14.34 34.88 -10.88
C HIS A 57 14.71 34.65 -9.42
N ILE A 58 16.00 34.70 -9.12
CA ILE A 58 16.48 34.64 -7.75
C ILE A 58 16.68 36.08 -7.28
N GLN A 59 16.19 36.39 -6.09
CA GLN A 59 16.07 37.78 -5.66
C GLN A 59 17.24 38.29 -4.83
N GLN A 60 18.09 37.43 -4.27
CA GLN A 60 19.28 37.88 -3.54
C GLN A 60 20.51 37.13 -4.03
N ALA A 61 21.65 37.84 -4.06
CA ALA A 61 22.85 37.23 -4.63
C ALA A 61 23.36 36.07 -3.79
N LYS A 62 23.12 36.10 -2.48
CA LYS A 62 23.57 35.01 -1.61
C LYS A 62 22.95 33.66 -1.99
N TYR A 63 21.90 33.65 -2.83
CA TYR A 63 21.29 32.41 -3.28
C TYR A 63 21.75 32.01 -4.68
N GLN A 64 22.43 32.89 -5.40
CA GLN A 64 22.78 32.62 -6.78
C GLN A 64 23.70 31.42 -6.85
N GLY A 65 23.31 30.42 -7.65
CA GLY A 65 24.02 29.16 -7.72
C GLY A 65 23.69 28.16 -6.62
N ARG A 66 22.95 28.57 -5.60
CA ARG A 66 22.55 27.70 -4.48
C ARG A 66 21.09 27.30 -4.53
N LEU A 67 20.30 27.81 -5.46
CA LEU A 67 18.85 27.72 -5.37
C LEU A 67 18.28 27.29 -6.70
N HIS A 68 17.40 26.28 -6.68
CA HIS A 68 16.79 25.76 -7.89
C HIS A 68 15.38 25.29 -7.57
N VAL A 69 14.48 25.45 -8.52
CA VAL A 69 13.09 25.07 -8.34
C VAL A 69 12.70 24.11 -9.44
N SER A 70 12.05 23.01 -9.06
CA SER A 70 11.70 21.97 -10.02
C SER A 70 10.75 22.55 -11.06
N HIS A 71 10.90 22.10 -12.28
CA HIS A 71 10.05 22.57 -13.36
C HIS A 71 9.63 21.47 -14.33
N LYS A 72 10.04 20.22 -14.11
CA LYS A 72 9.84 19.17 -15.11
C LYS A 72 8.41 18.63 -15.11
N VAL A 73 7.85 18.35 -13.95
CA VAL A 73 6.53 17.71 -13.87
C VAL A 73 5.53 18.76 -13.38
N PRO A 74 4.41 18.95 -14.09
CA PRO A 74 3.39 19.88 -13.60
C PRO A 74 3.00 19.51 -12.17
N GLY A 75 2.86 20.53 -11.33
CA GLY A 75 2.40 20.33 -9.98
C GLY A 75 3.50 20.11 -8.96
N ASP A 76 4.75 20.10 -9.35
CA ASP A 76 5.87 20.00 -8.42
C ASP A 76 6.70 21.27 -8.57
N VAL A 77 6.72 22.10 -7.52
CA VAL A 77 7.52 23.33 -7.53
C VAL A 77 8.42 23.35 -6.31
N SER A 78 8.90 22.18 -5.89
CA SER A 78 9.80 22.05 -4.76
C SER A 78 11.06 22.90 -4.93
N LEU A 79 11.60 23.35 -3.80
CA LEU A 79 12.76 24.25 -3.78
C LEU A 79 13.98 23.48 -3.27
N GLN A 80 15.06 23.44 -4.07
CA GLN A 80 16.31 22.83 -3.65
C GLN A 80 17.32 23.90 -3.25
N LEU A 81 17.85 23.76 -2.04
CA LEU A 81 18.88 24.65 -1.51
C LEU A 81 20.16 23.86 -1.28
N SER A 82 21.29 24.36 -1.80
CA SER A 82 22.56 23.66 -1.66
C SER A 82 23.50 24.45 -0.76
N THR A 83 24.44 23.74 -0.13
CA THR A 83 25.37 24.30 0.86
C THR A 83 24.62 25.13 1.91
N LEU A 84 23.85 24.40 2.71
CA LEU A 84 23.04 25.01 3.77
C LEU A 84 23.92 25.67 4.81
N GLU A 85 23.56 26.89 5.18
CA GLU A 85 24.20 27.62 6.27
C GLU A 85 23.25 27.61 7.46
N MET A 86 23.83 27.81 8.66
CA MET A 86 22.99 27.95 9.85
C MET A 86 21.95 29.04 9.69
N ASP A 87 22.29 30.11 8.97
CA ASP A 87 21.38 31.22 8.76
C ASP A 87 20.25 30.89 7.79
N ASP A 88 20.28 29.72 7.17
CA ASP A 88 19.18 29.28 6.32
C ASP A 88 18.02 28.72 7.13
N ARG A 89 18.20 28.47 8.42
CA ARG A 89 17.08 28.10 9.27
C ARG A 89 16.06 29.23 9.25
N SER A 90 14.81 28.88 8.99
CA SER A 90 13.74 29.86 8.80
C SER A 90 12.49 29.09 8.42
N HIS A 91 11.36 29.80 8.49
CA HIS A 91 10.13 29.36 7.86
C HIS A 91 10.14 29.83 6.41
N TYR A 92 9.77 28.94 5.51
CA TYR A 92 9.65 29.23 4.08
C TYR A 92 8.22 29.02 3.64
N THR A 93 7.75 29.86 2.71
CA THR A 93 6.40 29.77 2.18
C THR A 93 6.45 29.50 0.69
N CYS A 94 5.74 28.47 0.26
CA CYS A 94 5.55 28.17 -1.15
C CYS A 94 4.23 28.80 -1.56
N GLU A 95 4.24 29.57 -2.64
CA GLU A 95 3.08 30.37 -3.04
C GLU A 95 2.84 30.23 -4.54
N VAL A 96 1.67 29.74 -4.92
CA VAL A 96 1.37 29.48 -6.33
C VAL A 96 0.11 30.21 -6.71
N THR A 97 0.12 30.84 -7.88
CA THR A 97 -0.99 31.59 -8.43
C THR A 97 -1.44 30.91 -9.72
N TRP A 98 -2.74 30.70 -9.86
CA TRP A 98 -3.32 30.12 -11.06
C TRP A 98 -4.33 31.08 -11.67
N GLN A 99 -4.53 30.95 -12.98
CA GLN A 99 -5.58 31.67 -13.68
C GLN A 99 -6.59 30.66 -14.21
N THR A 100 -7.87 30.94 -14.01
CA THR A 100 -8.97 30.14 -14.51
C THR A 100 -9.39 30.64 -15.88
N PRO A 101 -10.13 29.84 -16.66
CA PRO A 101 -10.45 30.23 -18.04
C PRO A 101 -11.33 31.47 -18.14
N ASP A 102 -11.87 31.97 -17.05
CA ASP A 102 -12.62 33.21 -17.04
C ASP A 102 -11.78 34.41 -16.60
N GLY A 103 -10.46 34.26 -16.54
CA GLY A 103 -9.56 35.35 -16.26
C GLY A 103 -9.30 35.61 -14.79
N ASN A 104 -10.14 35.06 -13.90
CA ASN A 104 -9.89 35.25 -12.48
C ASN A 104 -8.66 34.47 -12.04
N GLN A 105 -8.09 34.87 -10.90
CA GLN A 105 -6.90 34.25 -10.35
C GLN A 105 -7.19 33.67 -8.97
N VAL A 106 -6.49 32.59 -8.64
CA VAL A 106 -6.59 31.89 -7.37
C VAL A 106 -5.18 31.71 -6.83
N VAL A 107 -4.99 31.98 -5.54
CA VAL A 107 -3.67 31.88 -4.93
C VAL A 107 -3.76 30.94 -3.74
N ARG A 108 -2.76 30.07 -3.59
CA ARG A 108 -2.62 29.21 -2.42
C ARG A 108 -1.18 29.29 -1.95
N ASP A 109 -0.98 29.19 -0.63
CA ASP A 109 0.37 29.14 -0.10
C ASP A 109 0.42 28.16 1.08
N LYS A 110 1.64 27.79 1.48
CA LYS A 110 1.84 26.86 2.58
C LYS A 110 3.25 27.00 3.14
N ILE A 111 3.39 26.81 4.46
CA ILE A 111 4.61 27.08 5.20
C ILE A 111 5.30 25.77 5.58
N THR A 112 6.62 25.74 5.45
CA THR A 112 7.44 24.70 6.05
C THR A 112 8.52 25.36 6.89
N GLU A 113 8.97 24.65 7.92
CA GLU A 113 10.12 25.08 8.71
C GLU A 113 11.35 24.31 8.27
N LEU A 114 12.39 25.06 7.86
CA LEU A 114 13.64 24.41 7.48
C LEU A 114 14.56 24.38 8.70
N ARG A 115 14.99 23.18 9.07
CA ARG A 115 15.98 22.98 10.11
C ARG A 115 17.31 22.61 9.47
N VAL A 116 18.41 23.04 10.08
CA VAL A 116 19.73 22.73 9.57
C VAL A 116 20.53 22.11 10.73
N GLN A 117 21.04 20.91 10.52
CA GLN A 117 21.63 20.09 11.58
C GLN A 117 23.12 19.91 11.37
N LYS A 118 23.90 20.11 12.43
CA LYS A 118 25.33 19.80 12.39
C LYS A 118 25.56 18.31 12.66
N GLN B 1 2.20 16.38 15.57
CA GLN B 1 0.90 16.00 16.11
C GLN B 1 0.38 17.15 16.95
N VAL B 2 -0.86 17.54 16.65
CA VAL B 2 -1.48 18.71 17.27
C VAL B 2 -2.81 18.27 17.86
N GLN B 3 -3.11 18.74 19.06
N GLN B 3 -3.17 18.83 19.00
CA GLN B 3 -4.42 18.59 19.67
CA GLN B 3 -4.45 18.55 19.63
C GLN B 3 -5.07 19.97 19.75
C GLN B 3 -5.12 19.89 19.92
N LEU B 4 -6.36 20.02 19.48
CA LEU B 4 -7.12 21.28 19.53
C LEU B 4 -8.32 21.06 20.43
N VAL B 5 -8.57 21.97 21.37
CA VAL B 5 -9.64 21.81 22.35
C VAL B 5 -10.41 23.12 22.47
N GLU B 6 -11.69 23.10 22.11
CA GLU B 6 -12.53 24.28 22.20
C GLU B 6 -13.17 24.37 23.57
N SER B 7 -13.39 25.60 24.01
CA SER B 7 -14.11 25.87 25.25
C SER B 7 -14.99 27.09 25.05
N GLY B 8 -16.06 27.18 25.87
CA GLY B 8 -16.80 28.42 26.01
C GLY B 8 -18.20 28.44 25.44
N GLY B 9 -18.63 27.40 24.72
CA GLY B 9 -19.94 27.44 24.11
C GLY B 9 -21.08 27.27 25.11
N GLY B 10 -22.29 27.22 24.57
CA GLY B 10 -23.47 26.94 25.37
C GLY B 10 -24.65 27.77 24.91
N LEU B 11 -25.58 27.97 25.84
CA LEU B 11 -26.80 28.73 25.58
C LEU B 11 -26.61 30.21 25.87
N VAL B 12 -27.09 31.05 24.97
CA VAL B 12 -27.06 32.50 25.16
C VAL B 12 -28.32 33.11 24.57
N GLN B 13 -28.76 34.22 25.18
CA GLN B 13 -29.91 34.96 24.68
C GLN B 13 -29.51 35.81 23.47
N ALA B 14 -30.43 35.91 22.51
CA ALA B 14 -30.24 36.78 21.36
C ALA B 14 -29.84 38.18 21.82
N GLY B 15 -28.95 38.82 21.06
CA GLY B 15 -28.38 40.09 21.44
C GLY B 15 -27.24 40.01 22.43
N GLY B 16 -27.07 38.88 23.10
CA GLY B 16 -25.98 38.71 24.04
C GLY B 16 -24.66 38.36 23.36
N SER B 17 -23.70 37.97 24.20
CA SER B 17 -22.33 37.75 23.78
C SER B 17 -21.81 36.46 24.39
N LEU B 18 -20.92 35.78 23.66
CA LEU B 18 -20.14 34.66 24.17
C LEU B 18 -18.72 34.75 23.64
N ARG B 19 -17.77 34.21 24.39
CA ARG B 19 -16.40 34.09 23.93
C ARG B 19 -16.04 32.61 23.82
N LEU B 20 -15.67 32.19 22.62
CA LEU B 20 -15.11 30.87 22.42
C LEU B 20 -13.59 30.96 22.46
N SER B 21 -12.97 29.87 22.89
CA SER B 21 -11.52 29.77 22.88
C SER B 21 -11.14 28.38 22.41
N CYS B 22 -9.91 28.29 21.91
CA CYS B 22 -9.37 27.06 21.39
C CYS B 22 -7.92 27.01 21.80
N ALA B 23 -7.55 25.98 22.56
CA ALA B 23 -6.19 25.82 23.05
C ALA B 23 -5.52 24.73 22.24
N ALA B 24 -4.34 25.03 21.72
CA ALA B 24 -3.61 24.08 20.89
C ALA B 24 -2.40 23.59 21.66
N SER B 25 -2.14 22.29 21.56
CA SER B 25 -0.92 21.74 22.13
C SER B 25 0.16 21.70 21.05
N GLY B 26 1.40 21.91 21.46
CA GLY B 26 2.49 21.87 20.51
C GLY B 26 3.52 22.95 20.76
N ARG B 27 4.57 22.98 19.95
CA ARG B 27 5.70 23.85 20.20
C ARG B 27 5.69 25.13 19.37
N THR B 28 5.03 25.13 18.21
CA THR B 28 5.18 26.21 17.25
C THR B 28 3.82 26.76 16.85
N PHE B 29 2.97 27.00 17.86
CA PHE B 29 1.62 27.51 17.63
C PHE B 29 1.62 28.76 16.76
N SER B 30 2.60 29.67 16.97
CA SER B 30 2.61 30.97 16.30
C SER B 30 2.81 30.87 14.79
N SER B 31 3.29 29.75 14.30
CA SER B 31 3.51 29.58 12.87
C SER B 31 2.35 28.89 12.16
N TYR B 32 1.21 28.72 12.82
CA TYR B 32 -0.01 28.14 12.24
C TYR B 32 -1.07 29.22 12.07
N GLY B 33 -1.73 29.25 10.91
CA GLY B 33 -2.98 29.99 10.81
C GLY B 33 -4.09 29.24 11.55
N MET B 34 -4.91 29.97 12.29
CA MET B 34 -5.96 29.38 13.09
C MET B 34 -7.31 29.84 12.56
N GLY B 35 -8.27 28.92 12.44
CA GLY B 35 -9.56 29.25 11.91
C GLY B 35 -10.72 28.72 12.75
N TRP B 36 -11.86 29.37 12.59
CA TRP B 36 -13.13 28.95 13.17
C TRP B 36 -14.13 28.68 12.05
N PHE B 37 -14.82 27.54 12.13
CA PHE B 37 -15.86 27.16 11.19
C PHE B 37 -17.09 26.79 11.98
N ARG B 38 -18.26 26.81 11.32
CA ARG B 38 -19.48 26.44 12.01
C ARG B 38 -20.41 25.67 11.08
N GLN B 39 -21.24 24.83 11.69
CA GLN B 39 -22.21 24.05 10.94
C GLN B 39 -23.52 24.03 11.70
N ALA B 40 -24.56 24.56 11.06
CA ALA B 40 -25.93 24.56 11.53
C ALA B 40 -26.63 23.27 11.12
N PRO B 41 -27.63 22.84 11.87
CA PRO B 41 -28.33 21.60 11.50
C PRO B 41 -28.92 21.69 10.10
N GLY B 42 -28.61 20.70 9.27
CA GLY B 42 -29.12 20.66 7.93
C GLY B 42 -28.40 21.52 6.92
N LYS B 43 -27.25 22.10 7.28
CA LYS B 43 -26.48 22.93 6.36
C LYS B 43 -25.04 22.44 6.29
N GLU B 44 -24.31 22.96 5.33
CA GLU B 44 -22.89 22.61 5.21
C GLU B 44 -22.06 23.48 6.16
N ARG B 45 -20.94 22.94 6.59
CA ARG B 45 -20.00 23.70 7.39
C ARG B 45 -19.50 24.91 6.62
N GLU B 46 -19.34 26.05 7.32
CA GLU B 46 -18.97 27.29 6.65
C GLU B 46 -17.93 28.06 7.46
N PHE B 47 -17.13 28.85 6.75
CA PHE B 47 -16.12 29.71 7.37
C PHE B 47 -16.75 30.76 8.27
N VAL B 48 -16.14 31.01 9.42
CA VAL B 48 -16.53 32.11 10.30
C VAL B 48 -15.44 33.18 10.34
N ALA B 49 -14.21 32.78 10.64
CA ALA B 49 -13.14 33.75 10.85
C ALA B 49 -11.81 33.02 10.98
N ALA B 50 -10.74 33.75 10.73
CA ALA B 50 -9.41 33.16 10.84
C ALA B 50 -8.41 34.23 11.20
N ILE B 51 -7.27 33.78 11.72
CA ILE B 51 -6.16 34.66 12.07
C ILE B 51 -4.89 33.95 11.64
N GLY B 52 -4.07 34.64 10.86
CA GLY B 52 -2.95 34.02 10.21
C GLY B 52 -1.77 33.86 11.13
N PRO B 53 -0.78 33.10 10.67
CA PRO B 53 0.43 32.91 11.47
C PRO B 53 1.25 34.19 11.56
N PHE B 54 2.31 34.12 12.36
CA PHE B 54 3.29 35.20 12.52
C PHE B 54 2.61 36.51 12.94
N GLY B 55 2.47 37.46 12.02
CA GLY B 55 1.91 38.76 12.40
C GLY B 55 0.47 38.71 12.87
N GLY B 56 -0.32 37.75 12.39
CA GLY B 56 -1.68 37.60 12.87
C GLY B 56 -2.74 38.46 12.20
N THR B 57 -2.69 38.57 10.87
CA THR B 57 -3.78 39.14 10.07
C THR B 57 -5.09 38.43 10.35
N THR B 58 -6.18 39.19 10.42
CA THR B 58 -7.50 38.64 10.73
C THR B 58 -8.40 38.62 9.49
N TYR B 59 -9.31 37.65 9.45
CA TYR B 59 -10.21 37.39 8.33
C TYR B 59 -11.58 37.04 8.87
N TYR B 60 -12.64 37.57 8.24
CA TYR B 60 -14.00 37.38 8.74
C TYR B 60 -14.96 37.08 7.61
N ALA B 61 -15.89 36.16 7.86
CA ALA B 61 -17.02 35.99 6.96
C ALA B 61 -17.92 37.22 7.03
N ASP B 62 -18.53 37.54 5.89
CA ASP B 62 -19.33 38.77 5.79
C ASP B 62 -20.44 38.80 6.83
N SER B 63 -21.09 37.65 7.07
CA SER B 63 -22.20 37.57 8.02
C SER B 63 -21.81 37.87 9.45
N VAL B 64 -20.51 37.88 9.78
CA VAL B 64 -20.08 38.12 11.15
C VAL B 64 -19.20 39.34 11.29
N LYS B 65 -18.83 39.99 10.19
CA LYS B 65 -17.94 41.15 10.29
C LYS B 65 -18.55 42.22 11.18
N GLY B 66 -17.73 42.84 12.01
CA GLY B 66 -18.16 43.84 12.96
C GLY B 66 -18.74 43.28 14.23
N ARG B 67 -19.41 42.12 14.17
CA ARG B 67 -19.97 41.48 15.35
C ARG B 67 -19.00 40.51 16.03
N PHE B 68 -18.16 39.81 15.26
CA PHE B 68 -17.19 38.88 15.83
C PHE B 68 -15.78 39.43 15.72
N THR B 69 -14.95 39.08 16.70
CA THR B 69 -13.55 39.46 16.71
C THR B 69 -12.72 38.22 17.03
N ILE B 70 -11.67 37.97 16.25
CA ILE B 70 -10.78 36.85 16.48
C ILE B 70 -9.44 37.40 16.94
N SER B 71 -8.82 36.71 17.90
CA SER B 71 -7.50 37.10 18.35
C SER B 71 -6.77 35.86 18.83
N ARG B 72 -5.47 36.02 19.05
CA ARG B 72 -4.67 34.91 19.54
C ARG B 72 -3.71 35.40 20.61
N ASP B 73 -3.43 34.51 21.56
CA ASP B 73 -2.40 34.72 22.58
C ASP B 73 -1.36 33.63 22.41
N ASN B 74 -0.26 33.97 21.76
CA ASN B 74 0.74 32.94 21.44
C ASN B 74 1.46 32.44 22.69
N ALA B 75 1.50 33.23 23.75
CA ALA B 75 2.04 32.74 25.02
C ALA B 75 1.17 31.63 25.60
N LYS B 76 -0.12 31.60 25.27
CA LYS B 76 -1.04 30.63 25.79
C LYS B 76 -1.46 29.57 24.78
N ASN B 77 -0.90 29.59 23.56
CA ASN B 77 -1.34 28.65 22.53
C ASN B 77 -2.85 28.66 22.37
N THR B 78 -3.46 29.83 22.47
CA THR B 78 -4.91 29.93 22.45
C THR B 78 -5.38 30.94 21.41
N VAL B 79 -6.46 30.59 20.72
CA VAL B 79 -7.15 31.52 19.85
C VAL B 79 -8.53 31.78 20.43
N TYR B 80 -8.99 33.03 20.34
CA TYR B 80 -10.26 33.46 20.92
C TYR B 80 -11.18 33.98 19.82
N LEU B 81 -12.48 33.71 19.98
CA LEU B 81 -13.51 34.24 19.10
C LEU B 81 -14.54 34.94 19.98
N GLN B 82 -14.53 36.27 19.95
CA GLN B 82 -15.48 37.09 20.69
C GLN B 82 -16.70 37.33 19.81
N MET B 83 -17.82 36.81 20.25
CA MET B 83 -19.09 36.76 19.52
C MET B 83 -20.03 37.79 20.14
N ASN B 84 -20.22 38.93 19.49
CA ASN B 84 -21.14 39.96 19.97
C ASN B 84 -22.38 40.03 19.09
N SER B 85 -23.43 40.68 19.61
CA SER B 85 -24.71 40.84 18.91
C SER B 85 -25.19 39.53 18.28
N LEU B 86 -25.22 38.48 19.09
CA LEU B 86 -25.55 37.16 18.61
C LEU B 86 -27.01 37.08 18.16
N LYS B 87 -27.23 36.47 17.01
CA LYS B 87 -28.56 36.27 16.45
C LYS B 87 -28.90 34.78 16.42
N PRO B 88 -30.19 34.43 16.36
CA PRO B 88 -30.55 33.01 16.31
C PRO B 88 -29.91 32.27 15.15
N GLU B 89 -29.60 32.98 14.06
CA GLU B 89 -28.95 32.38 12.90
C GLU B 89 -27.51 31.99 13.17
N ASP B 90 -26.92 32.45 14.28
CA ASP B 90 -25.59 32.04 14.66
C ASP B 90 -25.56 30.70 15.38
N THR B 91 -26.72 30.09 15.63
CA THR B 91 -26.78 28.80 16.30
C THR B 91 -26.14 27.73 15.42
N ALA B 92 -25.16 27.04 15.95
CA ALA B 92 -24.41 26.04 15.20
C ALA B 92 -23.36 25.41 16.11
N VAL B 93 -22.72 24.38 15.59
CA VAL B 93 -21.52 23.83 16.21
C VAL B 93 -20.32 24.53 15.59
N TYR B 94 -19.45 25.05 16.45
CA TYR B 94 -18.30 25.85 16.05
C TYR B 94 -17.04 25.02 16.21
N TYR B 95 -16.27 24.92 15.13
CA TYR B 95 -15.07 24.10 15.07
C TYR B 95 -13.83 24.99 15.00
N CYS B 96 -12.84 24.67 15.81
CA CYS B 96 -11.51 25.26 15.72
C CYS B 96 -10.64 24.42 14.78
N ALA B 97 -9.74 25.07 14.06
CA ALA B 97 -8.91 24.35 13.08
C ALA B 97 -7.58 25.07 12.92
N ALA B 98 -6.54 24.30 12.58
CA ALA B 98 -5.17 24.81 12.46
C ALA B 98 -4.58 24.40 11.12
N GLY B 99 -3.97 25.35 10.40
CA GLY B 99 -3.39 25.05 9.10
C GLY B 99 -2.10 25.81 8.91
N ARG B 100 -1.35 25.42 7.88
CA ARG B 100 -0.08 26.07 7.59
C ARG B 100 -0.14 26.95 6.35
N TRP B 101 -1.34 27.41 5.97
CA TRP B 101 -1.44 28.54 5.06
C TRP B 101 -0.85 29.79 5.71
N ASN B 102 -0.45 30.76 4.89
CA ASN B 102 0.23 31.97 5.37
C ASN B 102 -0.64 33.18 5.11
N ARG B 103 -0.86 33.56 3.85
CA ARG B 103 -1.65 34.75 3.52
C ARG B 103 -2.84 34.46 2.62
N TYR B 104 -3.04 33.21 2.20
CA TYR B 104 -4.08 32.91 1.24
C TYR B 104 -4.80 31.63 1.65
N GLY B 105 -6.01 31.47 1.11
CA GLY B 105 -6.76 30.24 1.22
C GLY B 105 -7.31 29.94 2.58
N GLU B 106 -7.50 30.97 3.41
CA GLU B 106 -7.85 30.75 4.81
C GLU B 106 -9.28 30.26 4.99
N GLN B 107 -10.12 30.37 3.96
CA GLN B 107 -11.50 29.93 4.09
C GLN B 107 -11.72 28.52 3.59
N ASP B 108 -10.70 27.91 3.01
CA ASP B 108 -10.81 26.61 2.39
C ASP B 108 -10.56 25.53 3.42
N GLN B 109 -11.57 24.70 3.69
CA GLN B 109 -11.46 23.71 4.75
C GLN B 109 -10.34 22.71 4.50
N TYR B 110 -10.03 22.44 3.23
CA TYR B 110 -8.95 21.49 2.93
C TYR B 110 -7.58 22.04 3.24
N ASN B 111 -7.48 23.31 3.58
CA ASN B 111 -6.22 23.99 3.85
C ASN B 111 -5.84 23.88 5.31
N TYR B 112 -6.59 23.12 6.09
CA TYR B 112 -6.34 22.99 7.52
C TYR B 112 -5.92 21.57 7.82
N GLU B 113 -4.88 21.43 8.64
CA GLU B 113 -4.32 20.10 8.92
C GLU B 113 -4.97 19.43 10.13
N TYR B 114 -5.54 20.20 11.04
CA TYR B 114 -6.08 19.65 12.29
C TYR B 114 -7.42 20.29 12.57
N TRP B 115 -8.36 19.47 13.05
CA TRP B 115 -9.70 19.91 13.37
C TRP B 115 -10.03 19.56 14.81
N GLY B 116 -10.51 20.55 15.57
CA GLY B 116 -11.11 20.27 16.86
C GLY B 116 -12.39 19.48 16.70
N GLN B 117 -13.00 19.17 17.85
CA GLN B 117 -14.25 18.39 17.85
C GLN B 117 -15.49 19.25 17.80
N GLY B 118 -15.36 20.57 17.97
CA GLY B 118 -16.49 21.47 17.87
C GLY B 118 -17.29 21.60 19.15
N THR B 119 -17.88 22.78 19.37
CA THR B 119 -18.71 23.05 20.54
C THR B 119 -20.01 23.72 20.11
N GLN B 120 -21.12 23.29 20.71
CA GLN B 120 -22.43 23.84 20.38
C GLN B 120 -22.58 25.26 20.92
N VAL B 121 -23.10 26.14 20.08
CA VAL B 121 -23.53 27.48 20.48
C VAL B 121 -24.99 27.62 20.08
N THR B 122 -25.83 28.01 21.02
CA THR B 122 -27.28 28.14 20.79
C THR B 122 -27.71 29.54 21.18
N VAL B 123 -28.33 30.25 20.24
CA VAL B 123 -28.83 31.60 20.47
C VAL B 123 -30.35 31.54 20.45
N SER B 124 -30.97 31.79 21.60
CA SER B 124 -32.42 31.71 21.73
C SER B 124 -33.05 33.10 21.71
N SER B 125 -34.37 33.11 21.50
CA SER B 125 -35.16 34.34 21.54
C SER B 125 -35.88 34.48 22.88
N ARG C 1 11.42 -9.58 -14.35
CA ARG C 1 10.51 -9.74 -15.48
C ARG C 1 9.10 -9.92 -14.92
N PRO C 2 8.06 -9.68 -15.73
CA PRO C 2 6.70 -9.92 -15.24
C PRO C 2 6.48 -11.39 -14.93
N ILE C 3 5.54 -11.63 -14.01
CA ILE C 3 5.04 -12.97 -13.72
C ILE C 3 3.53 -12.92 -13.81
N LEU C 4 2.95 -13.87 -14.54
CA LEU C 4 1.50 -13.98 -14.56
C LEU C 4 1.00 -14.75 -13.35
N GLU C 5 -0.17 -14.35 -12.86
CA GLU C 5 -0.83 -14.96 -11.72
C GLU C 5 -2.12 -15.58 -12.24
N VAL C 6 -2.21 -16.90 -12.14
CA VAL C 6 -3.29 -17.67 -12.73
C VAL C 6 -3.50 -18.82 -11.75
N PRO C 7 -4.73 -19.08 -11.30
CA PRO C 7 -4.95 -20.18 -10.35
C PRO C 7 -4.76 -21.54 -11.00
N GLU C 8 -4.34 -22.51 -10.19
CA GLU C 8 -4.11 -23.87 -10.67
C GLU C 8 -5.34 -24.43 -11.38
N SER C 9 -6.51 -24.24 -10.82
CA SER C 9 -7.73 -24.76 -11.43
C SER C 9 -8.89 -23.84 -11.13
N VAL C 10 -9.90 -23.91 -11.98
CA VAL C 10 -11.13 -23.14 -11.82
C VAL C 10 -12.29 -24.08 -12.14
N THR C 11 -13.36 -23.98 -11.37
CA THR C 11 -14.57 -24.77 -11.60
C THR C 11 -15.72 -23.84 -11.94
N GLY C 12 -16.46 -24.19 -12.97
CA GLY C 12 -17.65 -23.48 -13.35
C GLY C 12 -18.84 -24.42 -13.50
N PRO C 13 -20.04 -23.85 -13.52
CA PRO C 13 -21.24 -24.67 -13.67
C PRO C 13 -21.57 -24.98 -15.13
N TRP C 14 -21.99 -26.21 -15.37
CA TRP C 14 -22.48 -26.61 -16.69
C TRP C 14 -23.58 -25.64 -17.14
N LYS C 15 -23.48 -25.20 -18.40
CA LYS C 15 -24.34 -24.19 -19.00
C LYS C 15 -24.24 -22.81 -18.34
N GLY C 16 -23.35 -22.66 -17.35
CA GLY C 16 -23.15 -21.41 -16.66
C GLY C 16 -22.00 -20.60 -17.22
N ASP C 17 -21.50 -19.68 -16.40
CA ASP C 17 -20.41 -18.79 -16.78
C ASP C 17 -19.22 -18.99 -15.85
N VAL C 18 -18.01 -18.71 -16.36
CA VAL C 18 -16.82 -18.88 -15.55
C VAL C 18 -15.82 -17.77 -15.89
N ASN C 19 -15.02 -17.40 -14.89
CA ASN C 19 -13.93 -16.46 -15.07
C ASN C 19 -12.61 -17.18 -14.81
N LEU C 20 -11.66 -17.03 -15.73
CA LEU C 20 -10.31 -17.58 -15.61
C LEU C 20 -9.34 -16.43 -15.35
N PRO C 21 -8.94 -16.20 -14.09
CA PRO C 21 -8.10 -15.03 -13.80
C PRO C 21 -6.73 -15.14 -14.46
N CYS C 22 -6.26 -14.01 -14.98
CA CYS C 22 -4.88 -13.89 -15.46
C CYS C 22 -4.49 -12.45 -15.24
N THR C 23 -3.64 -12.21 -14.23
CA THR C 23 -3.24 -10.87 -13.88
C THR C 23 -1.74 -10.81 -13.66
N TYR C 24 -1.24 -9.59 -13.71
CA TYR C 24 0.16 -9.33 -13.50
C TYR C 24 0.30 -7.85 -13.15
N ASP C 25 1.34 -7.54 -12.38
CA ASP C 25 1.72 -6.16 -12.10
C ASP C 25 2.57 -5.65 -13.25
N PRO C 26 2.13 -4.67 -14.01
CA PRO C 26 2.94 -4.21 -15.15
C PRO C 26 4.26 -3.60 -14.70
N LEU C 27 5.32 -3.87 -15.46
CA LEU C 27 6.63 -3.30 -15.17
C LEU C 27 6.83 -2.00 -15.95
N GLN C 28 7.51 -1.05 -15.32
CA GLN C 28 7.86 0.20 -16.00
C GLN C 28 8.72 -0.12 -17.22
N GLY C 29 8.38 0.48 -18.35
CA GLY C 29 9.09 0.25 -19.58
C GLY C 29 8.54 -0.86 -20.43
N TYR C 30 7.72 -1.74 -19.87
CA TYR C 30 7.16 -2.87 -20.62
C TYR C 30 5.85 -2.45 -21.29
N THR C 31 5.79 -2.58 -22.60
CA THR C 31 4.57 -2.36 -23.37
C THR C 31 3.97 -3.69 -23.75
N GLN C 32 2.76 -3.95 -23.28
CA GLN C 32 2.00 -5.12 -23.69
C GLN C 32 1.66 -5.02 -25.17
N VAL C 33 2.13 -5.97 -25.97
CA VAL C 33 1.87 -5.97 -27.40
C VAL C 33 1.01 -7.13 -27.87
N LEU C 34 0.85 -8.18 -27.07
CA LEU C 34 0.06 -9.31 -27.51
C LEU C 34 -0.49 -10.03 -26.27
N VAL C 35 -1.74 -10.47 -26.37
CA VAL C 35 -2.34 -11.35 -25.38
C VAL C 35 -3.00 -12.50 -26.12
N LYS C 36 -2.71 -13.73 -25.67
CA LYS C 36 -3.36 -14.90 -26.22
C LYS C 36 -3.88 -15.78 -25.10
N TRP C 37 -5.07 -16.36 -25.30
CA TRP C 37 -5.51 -17.52 -24.55
C TRP C 37 -5.48 -18.72 -25.49
N LEU C 38 -4.94 -19.84 -25.01
CA LEU C 38 -4.78 -21.06 -25.79
C LEU C 38 -5.40 -22.22 -25.02
N VAL C 39 -6.01 -23.16 -25.74
CA VAL C 39 -6.49 -24.39 -25.14
C VAL C 39 -5.50 -25.51 -25.48
N GLN C 40 -5.29 -26.43 -24.54
CA GLN C 40 -4.30 -27.49 -24.75
C GLN C 40 -4.94 -28.69 -25.45
N ARG C 41 -4.32 -29.13 -26.53
CA ARG C 41 -4.74 -30.32 -27.26
C ARG C 41 -3.55 -31.27 -27.27
N GLY C 42 -3.48 -32.15 -26.26
CA GLY C 42 -2.30 -32.99 -26.14
C GLY C 42 -1.07 -32.13 -26.00
N SER C 43 -0.08 -32.38 -26.87
CA SER C 43 1.17 -31.62 -26.87
C SER C 43 1.00 -30.22 -27.40
N ASP C 44 -0.12 -29.90 -28.04
CA ASP C 44 -0.19 -28.69 -28.85
C ASP C 44 -1.17 -27.67 -28.27
N PRO C 45 -0.69 -26.51 -27.80
CA PRO C 45 -1.61 -25.39 -27.52
C PRO C 45 -2.24 -24.87 -28.81
N VAL C 46 -3.53 -24.55 -28.73
CA VAL C 46 -4.26 -23.94 -29.86
C VAL C 46 -4.83 -22.59 -29.40
N THR C 47 -4.43 -21.52 -30.10
CA THR C 47 -4.93 -20.18 -29.79
C THR C 47 -6.45 -20.13 -30.01
N ILE C 48 -7.18 -19.71 -28.97
CA ILE C 48 -8.61 -19.44 -29.12
C ILE C 48 -8.92 -17.94 -29.05
N PHE C 49 -8.00 -17.11 -28.56
CA PHE C 49 -8.22 -15.69 -28.43
C PHE C 49 -6.89 -15.00 -28.64
N LEU C 50 -6.95 -13.88 -29.35
CA LEU C 50 -5.79 -13.07 -29.69
C LEU C 50 -6.16 -11.60 -29.55
N ARG C 51 -5.33 -10.84 -28.84
CA ARG C 51 -5.46 -9.39 -28.75
C ARG C 51 -4.16 -8.74 -29.19
N ASP C 52 -4.24 -7.88 -30.20
CA ASP C 52 -3.08 -7.13 -30.68
C ASP C 52 -3.43 -5.65 -30.88
N SER C 53 -2.54 -4.90 -31.55
CA SER C 53 -2.78 -3.47 -31.74
C SER C 53 -4.02 -3.22 -32.59
N SER C 54 -4.51 -4.24 -33.29
CA SER C 54 -5.72 -4.17 -34.11
C SER C 54 -6.99 -4.38 -33.30
N GLY C 55 -6.91 -5.06 -32.16
CA GLY C 55 -8.10 -5.33 -31.38
C GLY C 55 -8.16 -6.77 -30.90
N ASP C 56 -9.37 -7.26 -30.66
CA ASP C 56 -9.60 -8.59 -30.13
C ASP C 56 -10.05 -9.50 -31.27
N HIS C 57 -9.56 -10.74 -31.26
CA HIS C 57 -9.81 -11.68 -32.35
C HIS C 57 -10.11 -13.06 -31.76
N ILE C 58 -11.37 -13.48 -31.80
CA ILE C 58 -11.71 -14.84 -31.44
C ILE C 58 -11.42 -15.75 -32.63
N GLN C 59 -10.82 -16.93 -32.36
CA GLN C 59 -10.21 -17.74 -33.40
C GLN C 59 -11.10 -18.87 -33.92
N GLN C 60 -12.03 -19.38 -33.13
CA GLN C 60 -12.97 -20.38 -33.58
C GLN C 60 -14.39 -19.85 -33.46
N ALA C 61 -15.28 -20.35 -34.32
CA ALA C 61 -16.64 -19.84 -34.36
C ALA C 61 -17.42 -20.26 -33.12
N LYS C 62 -17.09 -21.42 -32.55
CA LYS C 62 -17.81 -21.94 -31.39
C LYS C 62 -17.62 -21.08 -30.13
N TYR C 63 -16.70 -20.13 -30.13
CA TYR C 63 -16.54 -19.22 -29.01
C TYR C 63 -17.22 -17.88 -29.25
N GLN C 64 -17.80 -17.67 -30.44
CA GLN C 64 -18.44 -16.39 -30.76
C GLN C 64 -19.63 -16.16 -29.82
N GLY C 65 -19.63 -15.00 -29.16
CA GLY C 65 -20.65 -14.68 -28.19
C GLY C 65 -20.51 -15.35 -26.84
N ARG C 66 -19.51 -16.20 -26.64
CA ARG C 66 -19.29 -16.92 -25.39
C ARG C 66 -18.00 -16.53 -24.68
N LEU C 67 -17.17 -15.67 -25.27
CA LEU C 67 -15.80 -15.48 -24.82
C LEU C 67 -15.48 -14.00 -24.74
N HIS C 68 -15.03 -13.55 -23.56
N HIS C 68 -15.01 -13.56 -23.58
CA HIS C 68 -14.61 -12.17 -23.34
CA HIS C 68 -14.60 -12.17 -23.37
C HIS C 68 -13.30 -12.18 -22.57
C HIS C 68 -13.31 -12.17 -22.55
N VAL C 69 -12.45 -11.19 -22.83
CA VAL C 69 -11.19 -11.04 -22.14
C VAL C 69 -11.13 -9.63 -21.57
N SER C 70 -10.85 -9.51 -20.27
CA SER C 70 -10.87 -8.21 -19.62
C SER C 70 -9.88 -7.26 -20.28
N HIS C 71 -10.27 -5.98 -20.32
CA HIS C 71 -9.46 -4.90 -20.86
C HIS C 71 -9.72 -3.60 -20.13
N LYS C 72 -10.17 -3.68 -18.87
CA LYS C 72 -10.47 -2.49 -18.09
C LYS C 72 -9.20 -1.81 -17.57
N VAL C 73 -8.26 -2.58 -17.04
CA VAL C 73 -7.07 -2.04 -16.40
C VAL C 73 -5.83 -2.74 -16.94
N PRO C 74 -4.68 -2.08 -16.97
CA PRO C 74 -3.45 -2.79 -17.37
C PRO C 74 -3.11 -3.85 -16.34
N GLY C 75 -2.73 -5.03 -16.84
CA GLY C 75 -2.37 -6.12 -15.97
C GLY C 75 -3.49 -7.06 -15.62
N ASP C 76 -4.69 -6.89 -16.18
CA ASP C 76 -5.75 -7.87 -15.99
C ASP C 76 -6.28 -8.25 -17.36
N VAL C 77 -6.02 -9.51 -17.76
CA VAL C 77 -6.48 -10.05 -19.04
C VAL C 77 -7.21 -11.36 -18.79
N SER C 78 -8.00 -11.38 -17.73
CA SER C 78 -8.78 -12.55 -17.36
C SER C 78 -9.78 -12.90 -18.46
N LEU C 79 -10.05 -14.19 -18.61
CA LEU C 79 -10.97 -14.69 -19.62
C LEU C 79 -12.28 -15.13 -18.97
N GLN C 80 -13.39 -14.71 -19.56
CA GLN C 80 -14.70 -15.17 -19.13
C GLN C 80 -15.33 -15.98 -20.25
N LEU C 81 -15.87 -17.15 -19.92
CA LEU C 81 -16.50 -17.99 -20.92
C LEU C 81 -17.92 -18.32 -20.47
N SER C 82 -18.88 -18.12 -21.38
CA SER C 82 -20.31 -18.24 -21.11
C SER C 82 -20.86 -19.57 -21.61
N THR C 83 -21.96 -20.00 -20.99
CA THR C 83 -22.67 -21.24 -21.35
C THR C 83 -21.69 -22.40 -21.53
N LEU C 84 -21.11 -22.79 -20.39
CA LEU C 84 -20.15 -23.88 -20.35
C LEU C 84 -20.73 -25.18 -20.88
N GLU C 85 -19.96 -25.84 -21.74
CA GLU C 85 -20.24 -27.19 -22.23
C GLU C 85 -19.25 -28.15 -21.61
N MET C 86 -19.64 -29.43 -21.55
CA MET C 86 -18.72 -30.46 -21.07
C MET C 86 -17.39 -30.44 -21.83
N ASP C 87 -17.44 -30.10 -23.12
CA ASP C 87 -16.24 -30.10 -23.95
C ASP C 87 -15.35 -28.90 -23.68
N ASP C 88 -15.73 -28.01 -22.76
CA ASP C 88 -14.87 -26.90 -22.40
C ASP C 88 -13.84 -27.29 -21.34
N ARG C 89 -14.05 -28.38 -20.62
CA ARG C 89 -13.03 -28.93 -19.73
C ARG C 89 -11.73 -29.13 -20.49
N SER C 90 -10.69 -28.46 -20.02
CA SER C 90 -9.40 -28.44 -20.71
C SER C 90 -8.42 -27.65 -19.86
N HIS C 91 -7.14 -27.73 -20.23
CA HIS C 91 -6.13 -26.81 -19.73
C HIS C 91 -6.05 -25.61 -20.64
N TYR C 92 -6.00 -24.41 -20.03
CA TYR C 92 -5.99 -23.13 -20.71
C TYR C 92 -4.72 -22.38 -20.34
N THR C 93 -4.09 -21.78 -21.34
CA THR C 93 -2.86 -21.02 -21.16
C THR C 93 -3.12 -19.55 -21.43
N CYS C 94 -2.79 -18.70 -20.47
CA CYS C 94 -2.75 -17.26 -20.64
C CYS C 94 -1.31 -16.87 -21.03
N GLU C 95 -1.15 -16.17 -22.14
CA GLU C 95 0.18 -15.88 -22.68
C GLU C 95 0.24 -14.39 -23.01
N VAL C 96 1.18 -13.65 -22.41
CA VAL C 96 1.31 -12.22 -22.67
C VAL C 96 2.70 -11.91 -23.19
N THR C 97 2.77 -11.04 -24.20
CA THR C 97 4.01 -10.59 -24.81
C THR C 97 4.17 -9.10 -24.60
N TRP C 98 5.35 -8.70 -24.13
CA TRP C 98 5.70 -7.30 -23.91
C TRP C 98 6.90 -6.94 -24.78
N GLN C 99 7.00 -5.66 -25.10
CA GLN C 99 8.17 -5.09 -25.73
C GLN C 99 8.84 -4.13 -24.75
N THR C 100 10.18 -4.18 -24.69
CA THR C 100 10.97 -3.29 -23.84
C THR C 100 11.51 -2.12 -24.65
N PRO C 101 11.93 -1.04 -23.97
CA PRO C 101 12.41 0.15 -24.71
C PRO C 101 13.49 -0.15 -25.73
N ASP C 102 14.29 -1.20 -25.53
CA ASP C 102 15.33 -1.60 -26.47
C ASP C 102 14.79 -2.35 -27.68
N GLY C 103 13.47 -2.52 -27.79
CA GLY C 103 12.90 -3.22 -28.91
C GLY C 103 12.90 -4.73 -28.81
N ASN C 104 13.38 -5.30 -27.70
CA ASN C 104 13.28 -6.73 -27.55
C ASN C 104 11.92 -7.10 -26.96
N GLN C 105 11.60 -8.39 -27.04
CA GLN C 105 10.31 -8.90 -26.59
C GLN C 105 10.50 -9.89 -25.44
N VAL C 106 9.53 -9.91 -24.54
CA VAL C 106 9.46 -10.85 -23.43
C VAL C 106 8.08 -11.50 -23.45
N VAL C 107 8.04 -12.84 -23.35
CA VAL C 107 6.78 -13.58 -23.25
C VAL C 107 6.74 -14.32 -21.93
N ARG C 108 5.58 -14.34 -21.29
CA ARG C 108 5.29 -15.18 -20.14
C ARG C 108 3.96 -15.90 -20.36
N ASP C 109 3.81 -17.07 -19.74
CA ASP C 109 2.54 -17.78 -19.83
C ASP C 109 2.30 -18.57 -18.54
N LYS C 110 1.06 -19.02 -18.39
CA LYS C 110 0.70 -19.78 -17.19
C LYS C 110 -0.57 -20.58 -17.49
N ILE C 111 -0.63 -21.80 -16.94
CA ILE C 111 -1.70 -22.74 -17.25
C ILE C 111 -2.71 -22.79 -16.11
N THR C 112 -4.00 -22.86 -16.46
CA THR C 112 -5.04 -23.24 -15.51
C THR C 112 -5.85 -24.39 -16.08
N GLU C 113 -6.40 -25.20 -15.18
CA GLU C 113 -7.31 -26.28 -15.56
C GLU C 113 -8.73 -25.82 -15.33
N LEU C 114 -9.55 -25.84 -16.37
CA LEU C 114 -10.97 -25.52 -16.25
C LEU C 114 -11.75 -26.82 -16.12
N ARG C 115 -12.45 -26.97 -15.00
CA ARG C 115 -13.36 -28.08 -14.77
C ARG C 115 -14.79 -27.56 -14.86
N VAL C 116 -15.68 -28.41 -15.38
CA VAL C 116 -17.08 -28.05 -15.59
C VAL C 116 -17.94 -29.04 -14.81
N GLN C 117 -18.78 -28.52 -13.91
CA GLN C 117 -19.50 -29.32 -12.95
C GLN C 117 -20.99 -29.28 -13.26
N LYS C 118 -21.59 -30.45 -13.45
CA LYS C 118 -23.03 -30.55 -13.65
C LYS C 118 -23.73 -30.50 -12.30
N GLN D 1 -0.25 -28.43 -0.98
CA GLN D 1 -0.83 -29.16 -2.08
C GLN D 1 0.15 -29.88 -2.96
N VAL D 2 1.36 -29.34 -3.10
CA VAL D 2 2.40 -30.05 -3.86
C VAL D 2 3.63 -30.20 -3.00
N GLN D 3 4.21 -31.39 -3.03
CA GLN D 3 5.40 -31.69 -2.26
C GLN D 3 6.45 -32.25 -3.20
N LEU D 4 7.68 -31.76 -3.09
CA LEU D 4 8.80 -32.12 -3.95
C LEU D 4 9.91 -32.72 -3.10
N VAL D 5 10.31 -33.94 -3.41
CA VAL D 5 11.39 -34.61 -2.68
C VAL D 5 12.47 -35.02 -3.67
N GLU D 6 13.69 -34.51 -3.47
CA GLU D 6 14.82 -34.89 -4.32
C GLU D 6 15.50 -36.15 -3.81
N SER D 7 16.14 -36.86 -4.74
CA SER D 7 16.98 -37.99 -4.38
C SER D 7 18.17 -38.06 -5.33
N GLY D 8 19.21 -38.75 -4.87
CA GLY D 8 20.31 -39.14 -5.74
C GLY D 8 21.60 -38.35 -5.62
N GLY D 9 21.68 -37.38 -4.73
CA GLY D 9 22.89 -36.58 -4.65
C GLY D 9 24.03 -37.30 -3.94
N GLY D 10 25.14 -36.59 -3.80
CA GLY D 10 26.26 -37.09 -3.04
C GLY D 10 27.58 -36.67 -3.67
N LEU D 11 28.62 -37.43 -3.34
CA LEU D 11 29.98 -37.16 -3.78
C LEU D 11 30.32 -38.02 -4.99
N VAL D 12 30.99 -37.41 -5.97
CA VAL D 12 31.35 -38.09 -7.20
C VAL D 12 32.66 -37.52 -7.70
N GLN D 13 33.39 -38.34 -8.47
CA GLN D 13 34.69 -37.93 -8.99
C GLN D 13 34.54 -37.20 -10.31
N ALA D 14 35.43 -36.23 -10.54
CA ALA D 14 35.41 -35.45 -11.76
C ALA D 14 35.46 -36.35 -12.99
N GLY D 15 34.69 -35.97 -14.02
CA GLY D 15 34.50 -36.80 -15.18
C GLY D 15 33.48 -37.89 -15.04
N GLY D 16 33.00 -38.17 -13.83
CA GLY D 16 32.02 -39.21 -13.61
C GLY D 16 30.59 -38.75 -13.88
N SER D 17 29.66 -39.63 -13.52
CA SER D 17 28.23 -39.44 -13.76
C SER D 17 27.44 -39.52 -12.47
N LEU D 18 26.27 -38.89 -12.49
CA LEU D 18 25.38 -38.88 -11.34
C LEU D 18 23.98 -38.57 -11.86
N ARG D 19 22.97 -39.26 -11.32
CA ARG D 19 21.58 -38.98 -11.65
C ARG D 19 20.85 -38.44 -10.41
N LEU D 20 20.21 -37.28 -10.56
CA LEU D 20 19.27 -36.81 -9.57
C LEU D 20 17.86 -37.16 -10.01
N SER D 21 16.97 -37.31 -9.03
CA SER D 21 15.55 -37.46 -9.31
C SER D 21 14.77 -36.57 -8.36
N CYS D 22 13.57 -36.23 -8.78
CA CYS D 22 12.63 -35.47 -7.96
C CYS D 22 11.24 -36.04 -8.12
N ALA D 23 10.61 -36.42 -7.02
CA ALA D 23 9.29 -37.02 -7.03
C ALA D 23 8.29 -36.02 -6.48
N ALA D 24 7.17 -35.87 -7.18
CA ALA D 24 6.14 -34.92 -6.78
C ALA D 24 4.88 -35.64 -6.32
N SER D 25 4.22 -35.05 -5.34
CA SER D 25 2.88 -35.47 -4.92
C SER D 25 1.85 -35.03 -5.97
N GLY D 26 0.57 -35.24 -5.67
CA GLY D 26 -0.50 -34.81 -6.56
C GLY D 26 -0.85 -35.84 -7.62
N ARG D 27 -1.88 -35.49 -8.40
CA ARG D 27 -2.37 -36.33 -9.49
C ARG D 27 -2.38 -35.60 -10.84
N THR D 28 -1.81 -34.40 -10.92
CA THR D 28 -1.79 -33.64 -12.16
C THR D 28 -0.36 -33.28 -12.58
N PHE D 29 0.59 -34.16 -12.25
CA PHE D 29 2.00 -33.91 -12.48
C PHE D 29 2.30 -33.52 -13.92
N SER D 30 1.67 -34.19 -14.88
CA SER D 30 2.00 -33.98 -16.28
C SER D 30 1.70 -32.54 -16.74
N SER D 31 0.88 -31.79 -16.01
CA SER D 31 0.52 -30.44 -16.40
C SER D 31 1.40 -29.38 -15.72
N TYR D 32 2.46 -29.77 -15.03
CA TYR D 32 3.43 -28.84 -14.46
C TYR D 32 4.73 -28.86 -15.25
N GLY D 33 5.29 -27.67 -15.48
CA GLY D 33 6.70 -27.60 -15.88
C GLY D 33 7.60 -27.88 -14.68
N MET D 34 8.63 -28.70 -14.89
CA MET D 34 9.58 -29.04 -13.84
C MET D 34 10.95 -28.48 -14.18
N GLY D 35 11.65 -28.02 -13.15
CA GLY D 35 12.93 -27.38 -13.35
C GLY D 35 13.91 -27.78 -12.26
N TRP D 36 15.19 -27.71 -12.62
CA TRP D 36 16.30 -27.88 -11.71
C TRP D 36 17.10 -26.58 -11.65
N PHE D 37 17.39 -26.12 -10.44
CA PHE D 37 18.25 -24.99 -10.17
C PHE D 37 19.36 -25.47 -9.24
N ARG D 38 20.41 -24.66 -9.12
CA ARG D 38 21.52 -25.02 -8.24
C ARG D 38 22.16 -23.74 -7.70
N GLN D 39 22.79 -23.88 -6.54
CA GLN D 39 23.46 -22.76 -5.90
C GLN D 39 24.76 -23.24 -5.28
N ALA D 40 25.86 -22.69 -5.74
CA ALA D 40 27.19 -22.90 -5.18
C ALA D 40 27.43 -21.92 -4.04
N PRO D 41 28.33 -22.23 -3.10
CA PRO D 41 28.43 -21.39 -1.90
C PRO D 41 28.93 -19.98 -2.21
N GLY D 42 28.28 -19.00 -1.59
CA GLY D 42 28.57 -17.62 -1.86
C GLY D 42 28.09 -17.09 -3.20
N LYS D 43 27.45 -17.91 -4.02
CA LYS D 43 26.94 -17.47 -5.31
C LYS D 43 25.42 -17.49 -5.30
N GLU D 44 24.83 -16.88 -6.32
CA GLU D 44 23.38 -16.86 -6.43
C GLU D 44 22.89 -18.12 -7.12
N ARG D 45 21.63 -18.46 -6.85
CA ARG D 45 21.04 -19.64 -7.47
C ARG D 45 20.78 -19.41 -8.94
N GLU D 46 21.04 -20.45 -9.75
CA GLU D 46 21.01 -20.31 -11.19
C GLU D 46 20.25 -21.49 -11.81
N PHE D 47 19.73 -21.22 -13.01
CA PHE D 47 19.02 -22.23 -13.79
C PHE D 47 19.98 -23.31 -14.27
N VAL D 48 19.52 -24.56 -14.21
CA VAL D 48 20.26 -25.70 -14.75
C VAL D 48 19.52 -26.30 -15.95
N ALA D 49 18.29 -26.76 -15.75
CA ALA D 49 17.52 -27.42 -16.80
C ALA D 49 16.04 -27.39 -16.43
N ALA D 50 15.20 -27.57 -17.45
CA ALA D 50 13.77 -27.65 -17.20
C ALA D 50 13.12 -28.52 -18.26
N ILE D 51 11.97 -29.09 -17.91
CA ILE D 51 11.18 -29.86 -18.85
C ILE D 51 9.74 -29.40 -18.75
N GLY D 52 9.18 -29.00 -19.90
CA GLY D 52 7.88 -28.40 -19.92
C GLY D 52 6.77 -29.39 -19.65
N PRO D 53 5.57 -28.89 -19.38
CA PRO D 53 4.43 -29.77 -19.17
C PRO D 53 3.97 -30.37 -20.50
N PHE D 54 3.01 -31.28 -20.40
CA PHE D 54 2.36 -31.90 -21.56
C PHE D 54 3.40 -32.62 -22.41
N GLY D 55 3.75 -32.08 -23.58
CA GLY D 55 4.69 -32.76 -24.47
C GLY D 55 6.12 -32.87 -23.96
N GLY D 56 6.51 -32.04 -23.00
CA GLY D 56 7.83 -32.20 -22.40
C GLY D 56 9.04 -31.69 -23.17
N THR D 57 8.93 -30.51 -23.78
CA THR D 57 10.09 -29.84 -24.32
C THR D 57 11.15 -29.60 -23.25
N THR D 58 12.42 -29.78 -23.60
CA THR D 58 13.52 -29.60 -22.66
C THR D 58 14.27 -28.30 -22.91
N TYR D 59 14.90 -27.80 -21.83
CA TYR D 59 15.61 -26.51 -21.78
C TYR D 59 16.84 -26.68 -20.89
N TYR D 60 17.99 -26.20 -21.34
CA TYR D 60 19.25 -26.34 -20.62
C TYR D 60 19.98 -25.01 -20.52
N ALA D 61 20.64 -24.77 -19.39
CA ALA D 61 21.64 -23.72 -19.35
C ALA D 61 22.79 -24.05 -20.30
N ASP D 62 23.46 -23.01 -20.79
CA ASP D 62 24.56 -23.21 -21.73
C ASP D 62 25.67 -24.08 -21.13
N SER D 63 25.96 -23.88 -19.84
CA SER D 63 27.11 -24.56 -19.22
C SER D 63 26.89 -26.04 -19.01
N VAL D 64 25.68 -26.57 -19.18
CA VAL D 64 25.41 -27.98 -18.98
C VAL D 64 24.89 -28.67 -20.23
N LYS D 65 24.61 -27.95 -21.31
CA LYS D 65 24.04 -28.57 -22.49
C LYS D 65 25.04 -29.57 -23.09
N GLY D 66 24.53 -30.68 -23.58
CA GLY D 66 25.38 -31.76 -24.06
C GLY D 66 25.86 -32.71 -22.96
N ARG D 67 25.99 -32.20 -21.74
CA ARG D 67 26.43 -32.97 -20.59
C ARG D 67 25.28 -33.46 -19.70
N PHE D 68 24.25 -32.65 -19.51
CA PHE D 68 23.11 -33.01 -18.67
C PHE D 68 21.90 -33.31 -19.53
N THR D 69 21.10 -34.28 -19.08
CA THR D 69 19.84 -34.64 -19.73
C THR D 69 18.73 -34.60 -18.69
N ILE D 70 17.63 -33.91 -19.01
CA ILE D 70 16.44 -33.90 -18.18
C ILE D 70 15.35 -34.71 -18.89
N SER D 71 14.58 -35.44 -18.10
CA SER D 71 13.47 -36.21 -18.62
C SER D 71 12.46 -36.36 -17.48
N ARG D 72 11.28 -36.87 -17.82
CA ARG D 72 10.25 -37.05 -16.83
C ARG D 72 9.53 -38.34 -17.11
N ASP D 73 9.04 -38.98 -16.05
CA ASP D 73 8.17 -40.14 -16.17
C ASP D 73 6.85 -39.77 -15.52
N ASN D 74 5.83 -39.50 -16.34
CA ASN D 74 4.59 -39.00 -15.78
C ASN D 74 3.82 -40.10 -15.05
N ALA D 75 4.07 -41.37 -15.39
CA ALA D 75 3.48 -42.45 -14.61
C ALA D 75 3.99 -42.45 -13.18
N LYS D 76 5.22 -41.99 -12.95
CA LYS D 76 5.85 -42.05 -11.64
C LYS D 76 5.92 -40.70 -10.94
N ASN D 77 5.36 -39.64 -11.53
CA ASN D 77 5.44 -38.29 -10.95
C ASN D 77 6.89 -37.92 -10.65
N THR D 78 7.80 -38.31 -11.54
CA THR D 78 9.22 -38.11 -11.29
C THR D 78 9.90 -37.41 -12.46
N VAL D 79 10.81 -36.49 -12.13
CA VAL D 79 11.67 -35.86 -13.12
C VAL D 79 13.10 -36.26 -12.80
N TYR D 80 13.89 -36.49 -13.84
CA TYR D 80 15.26 -36.96 -13.71
C TYR D 80 16.24 -35.95 -14.30
N LEU D 81 17.41 -35.86 -13.69
CA LEU D 81 18.51 -35.05 -14.20
C LEU D 81 19.73 -35.96 -14.28
N GLN D 82 20.03 -36.46 -15.48
CA GLN D 82 21.23 -37.24 -15.72
C GLN D 82 22.39 -36.29 -15.96
N MET D 83 23.40 -36.37 -15.12
CA MET D 83 24.51 -35.42 -15.13
C MET D 83 25.77 -36.19 -15.50
N ASN D 84 26.23 -36.04 -16.75
CA ASN D 84 27.43 -36.69 -17.24
C ASN D 84 28.59 -35.70 -17.29
N SER D 85 29.82 -36.22 -17.31
CA SER D 85 31.03 -35.41 -17.47
C SER D 85 31.08 -34.28 -16.45
N LEU D 86 30.96 -34.62 -15.18
CA LEU D 86 30.89 -33.60 -14.14
C LEU D 86 32.25 -32.97 -13.87
N LYS D 87 32.24 -31.66 -13.69
CA LYS D 87 33.39 -30.84 -13.34
C LYS D 87 33.24 -30.34 -11.93
N PRO D 88 34.34 -29.95 -11.26
CA PRO D 88 34.21 -29.37 -9.91
C PRO D 88 33.36 -28.10 -9.88
N GLU D 89 33.26 -27.37 -11.00
CA GLU D 89 32.37 -26.22 -11.08
C GLU D 89 30.90 -26.59 -10.89
N ASP D 90 30.54 -27.87 -11.09
CA ASP D 90 29.18 -28.34 -10.92
C ASP D 90 28.80 -28.57 -9.47
N THR D 91 29.73 -28.35 -8.54
CA THR D 91 29.45 -28.56 -7.13
C THR D 91 28.47 -27.50 -6.64
N ALA D 92 27.35 -27.94 -6.05
CA ALA D 92 26.30 -27.04 -5.59
C ALA D 92 25.19 -27.85 -4.95
N VAL D 93 24.27 -27.15 -4.29
CA VAL D 93 23.00 -27.72 -3.85
C VAL D 93 22.01 -27.62 -5.01
N TYR D 94 21.40 -28.74 -5.37
CA TYR D 94 20.52 -28.81 -6.52
C TYR D 94 19.07 -28.86 -6.07
N TYR D 95 18.25 -27.92 -6.59
CA TYR D 95 16.87 -27.77 -6.17
C TYR D 95 15.94 -28.20 -7.30
N CYS D 96 14.99 -29.06 -6.98
CA CYS D 96 13.85 -29.35 -7.85
C CYS D 96 12.75 -28.32 -7.62
N ALA D 97 12.05 -27.91 -8.69
CA ALA D 97 10.98 -26.92 -8.56
C ALA D 97 9.88 -27.21 -9.58
N ALA D 98 8.65 -26.79 -9.26
CA ALA D 98 7.51 -27.07 -10.11
C ALA D 98 6.71 -25.80 -10.35
N GLY D 99 6.24 -25.62 -11.59
CA GLY D 99 5.47 -24.44 -11.92
C GLY D 99 4.53 -24.69 -13.08
N ARG D 100 3.66 -23.72 -13.31
CA ARG D 100 2.62 -23.89 -14.31
C ARG D 100 2.86 -23.00 -15.53
N TRP D 101 4.10 -22.59 -15.76
CA TRP D 101 4.47 -22.05 -17.06
C TRP D 101 4.28 -23.16 -18.10
N ASN D 102 4.06 -22.76 -19.35
CA ASN D 102 3.83 -23.71 -20.44
C ASN D 102 5.05 -23.73 -21.35
N ARG D 103 5.30 -22.64 -22.08
CA ARG D 103 6.37 -22.63 -23.06
C ARG D 103 7.37 -21.50 -22.84
N TYR D 104 7.18 -20.65 -21.84
CA TYR D 104 8.03 -19.48 -21.67
C TYR D 104 8.40 -19.30 -20.20
N GLY D 105 9.48 -18.56 -19.97
CA GLY D 105 9.83 -18.16 -18.61
C GLY D 105 10.34 -19.28 -17.72
N GLU D 106 10.90 -20.33 -18.32
CA GLU D 106 11.30 -21.50 -17.54
C GLU D 106 12.55 -21.26 -16.70
N GLN D 107 13.34 -20.26 -17.02
CA GLN D 107 14.53 -19.99 -16.22
C GLN D 107 14.28 -19.02 -15.08
N ASP D 108 13.06 -18.51 -14.97
CA ASP D 108 12.73 -17.44 -14.04
C ASP D 108 12.21 -18.08 -12.76
N GLN D 109 12.99 -17.95 -11.68
CA GLN D 109 12.70 -18.61 -10.42
C GLN D 109 11.34 -18.23 -9.85
N TYR D 110 10.89 -17.01 -10.12
CA TYR D 110 9.61 -16.56 -9.61
C TYR D 110 8.45 -17.18 -10.36
N ASN D 111 8.72 -17.95 -11.41
CA ASN D 111 7.70 -18.62 -12.21
C ASN D 111 7.39 -20.03 -11.71
N TYR D 112 7.99 -20.43 -10.59
CA TYR D 112 7.76 -21.73 -9.99
C TYR D 112 7.03 -21.56 -8.67
N GLU D 113 6.02 -22.39 -8.44
CA GLU D 113 5.18 -22.24 -7.27
C GLU D 113 5.62 -23.12 -6.11
N TYR D 114 6.39 -24.17 -6.38
CA TYR D 114 6.83 -25.10 -5.34
C TYR D 114 8.31 -25.38 -5.50
N TRP D 115 9.00 -25.41 -4.37
CA TRP D 115 10.44 -25.60 -4.36
C TRP D 115 10.77 -26.76 -3.44
N GLY D 116 11.57 -27.70 -3.93
CA GLY D 116 12.12 -28.74 -3.08
C GLY D 116 13.14 -28.17 -2.10
N GLN D 117 13.69 -29.07 -1.28
CA GLN D 117 14.60 -28.66 -0.23
C GLN D 117 16.05 -28.59 -0.68
N GLY D 118 16.37 -29.14 -1.83
CA GLY D 118 17.73 -29.11 -2.35
C GLY D 118 18.54 -30.33 -1.92
N THR D 119 19.51 -30.69 -2.75
CA THR D 119 20.44 -31.77 -2.42
C THR D 119 21.83 -31.41 -2.90
N GLN D 120 22.83 -31.74 -2.09
CA GLN D 120 24.22 -31.43 -2.38
C GLN D 120 24.79 -32.40 -3.41
N VAL D 121 25.48 -31.85 -4.40
CA VAL D 121 26.31 -32.58 -5.35
C VAL D 121 27.71 -32.03 -5.17
N THR D 122 28.68 -32.91 -4.90
CA THR D 122 30.08 -32.52 -4.77
C THR D 122 30.91 -33.28 -5.79
N VAL D 123 31.63 -32.56 -6.63
CA VAL D 123 32.50 -33.16 -7.65
C VAL D 123 33.93 -33.00 -7.16
N SER D 124 34.55 -34.12 -6.77
CA SER D 124 35.90 -34.11 -6.23
C SER D 124 36.92 -34.24 -7.35
N SER D 125 37.86 -33.30 -7.40
CA SER D 125 38.91 -33.33 -8.40
C SER D 125 39.94 -34.42 -8.06
N ARG E 1 3.32 -7.78 -6.61
CA ARG E 1 3.88 -6.81 -5.67
C ARG E 1 5.38 -6.68 -5.94
N PRO E 2 6.02 -5.63 -5.41
CA PRO E 2 7.47 -5.50 -5.58
C PRO E 2 8.21 -6.51 -4.70
N ILE E 3 9.35 -6.97 -5.22
CA ILE E 3 10.25 -7.83 -4.46
C ILE E 3 11.64 -7.26 -4.53
N LEU E 4 12.29 -7.14 -3.38
CA LEU E 4 13.68 -6.70 -3.33
C LEU E 4 14.62 -7.87 -3.57
N GLU E 5 15.69 -7.61 -4.28
CA GLU E 5 16.77 -8.56 -4.50
C GLU E 5 17.97 -8.04 -3.73
N VAL E 6 18.39 -8.81 -2.74
CA VAL E 6 19.47 -8.48 -1.83
C VAL E 6 20.19 -9.80 -1.57
N PRO E 7 21.50 -9.89 -1.75
CA PRO E 7 22.17 -11.18 -1.52
C PRO E 7 22.19 -11.55 -0.05
N GLU E 8 22.29 -12.86 0.20
CA GLU E 8 22.34 -13.35 1.58
C GLU E 8 23.51 -12.75 2.34
N SER E 9 24.67 -12.63 1.69
CA SER E 9 25.84 -12.05 2.34
C SER E 9 26.76 -11.46 1.29
N VAL E 10 27.50 -10.43 1.70
CA VAL E 10 28.54 -9.80 0.90
C VAL E 10 29.80 -9.77 1.75
N THR E 11 30.96 -9.94 1.12
CA THR E 11 32.24 -9.84 1.80
C THR E 11 33.06 -8.71 1.19
N GLY E 12 33.58 -7.85 2.06
CA GLY E 12 34.42 -6.76 1.63
C GLY E 12 35.77 -6.78 2.31
N PRO E 13 36.77 -6.18 1.68
CA PRO E 13 38.11 -6.17 2.27
C PRO E 13 38.26 -5.13 3.38
N TRP E 14 39.03 -5.48 4.40
CA TRP E 14 39.37 -4.52 5.43
C TRP E 14 40.07 -3.29 4.85
N LYS E 15 39.64 -2.12 5.32
CA LYS E 15 40.13 -0.81 4.87
C LYS E 15 39.77 -0.54 3.41
N GLY E 16 38.93 -1.37 2.80
CA GLY E 16 38.54 -1.23 1.42
C GLY E 16 37.09 -0.80 1.24
N ASP E 17 36.61 -0.96 0.01
CA ASP E 17 35.26 -0.55 -0.37
C ASP E 17 34.41 -1.77 -0.65
N VAL E 18 33.11 -1.68 -0.34
CA VAL E 18 32.17 -2.77 -0.55
C VAL E 18 30.84 -2.20 -1.03
N ASN E 19 30.14 -2.99 -1.84
CA ASN E 19 28.83 -2.63 -2.37
C ASN E 19 27.81 -3.65 -1.86
N LEU E 20 26.71 -3.15 -1.29
CA LEU E 20 25.61 -4.02 -0.84
C LEU E 20 24.44 -3.89 -1.81
N PRO E 21 24.19 -4.87 -2.68
CA PRO E 21 23.14 -4.71 -3.69
C PRO E 21 21.75 -4.66 -3.08
N CYS E 22 20.94 -3.74 -3.60
CA CYS E 22 19.51 -3.76 -3.30
C CYS E 22 18.79 -3.24 -4.53
N THR E 23 18.09 -4.13 -5.21
CA THR E 23 17.51 -3.82 -6.51
C THR E 23 16.12 -4.42 -6.63
N TYR E 24 15.33 -3.86 -7.54
CA TYR E 24 13.99 -4.34 -7.80
C TYR E 24 13.58 -3.91 -9.21
N ASP E 25 12.64 -4.65 -9.78
CA ASP E 25 12.05 -4.24 -11.05
C ASP E 25 11.08 -3.10 -10.78
N PRO E 26 11.29 -1.91 -11.34
CA PRO E 26 10.32 -0.84 -11.12
C PRO E 26 8.97 -1.18 -11.74
N LEU E 27 7.92 -1.04 -10.94
CA LEU E 27 6.54 -1.32 -11.36
C LEU E 27 5.84 -0.05 -11.81
N GLN E 28 5.05 -0.17 -12.88
N GLN E 28 5.07 -0.17 -12.89
CA GLN E 28 4.28 0.98 -13.37
CA GLN E 28 4.24 0.94 -13.36
C GLN E 28 3.26 1.39 -12.32
C GLN E 28 3.31 1.39 -12.24
N GLY E 29 3.23 2.70 -12.02
CA GLY E 29 2.33 3.25 -11.03
C GLY E 29 2.86 3.22 -9.59
N TYR E 30 3.91 2.44 -9.31
CA TYR E 30 4.53 2.41 -8.00
C TYR E 30 5.64 3.45 -7.95
N THR E 31 5.43 4.51 -7.17
CA THR E 31 6.40 5.58 -7.06
C THR E 31 7.21 5.43 -5.78
N GLN E 32 8.52 5.33 -5.91
CA GLN E 32 9.41 5.28 -4.75
C GLN E 32 9.34 6.57 -3.96
N VAL E 33 9.04 6.47 -2.66
CA VAL E 33 8.95 7.64 -1.81
C VAL E 33 9.91 7.61 -0.64
N LEU E 34 10.53 6.46 -0.35
CA LEU E 34 11.40 6.36 0.82
C LEU E 34 12.38 5.21 0.60
N VAL E 35 13.65 5.44 0.93
CA VAL E 35 14.67 4.39 0.97
C VAL E 35 15.45 4.52 2.27
N LYS E 36 15.49 3.44 3.05
CA LYS E 36 16.24 3.40 4.30
C LYS E 36 17.20 2.23 4.25
N TRP E 37 18.44 2.46 4.70
CA TRP E 37 19.36 1.39 5.02
C TRP E 37 19.59 1.40 6.53
N LEU E 38 19.49 0.23 7.14
CA LEU E 38 19.57 0.08 8.58
C LEU E 38 20.60 -0.97 8.92
N VAL E 39 21.15 -0.87 10.12
CA VAL E 39 22.08 -1.86 10.64
C VAL E 39 21.49 -2.41 11.94
N GLN E 40 21.63 -3.71 12.15
CA GLN E 40 20.93 -4.38 13.23
C GLN E 40 21.69 -4.23 14.55
N ARG E 41 20.98 -3.87 15.62
CA ARG E 41 21.56 -3.71 16.95
C ARG E 41 20.64 -4.45 17.92
N GLY E 42 20.88 -5.76 18.06
CA GLY E 42 19.96 -6.55 18.85
C GLY E 42 18.62 -6.61 18.16
N SER E 43 17.55 -6.40 18.92
CA SER E 43 16.22 -6.59 18.38
C SER E 43 15.71 -5.41 17.57
N ASP E 44 16.53 -4.37 17.38
CA ASP E 44 16.08 -3.18 16.66
C ASP E 44 17.10 -2.80 15.60
N PRO E 45 16.66 -2.56 14.36
CA PRO E 45 17.57 -1.98 13.36
C PRO E 45 17.68 -0.49 13.61
N VAL E 46 18.85 0.05 13.30
CA VAL E 46 19.12 1.47 13.46
C VAL E 46 19.36 2.04 12.06
N THR E 47 18.58 3.05 11.70
CA THR E 47 18.74 3.69 10.40
C THR E 47 20.11 4.34 10.30
N ILE E 48 20.83 4.04 9.23
CA ILE E 48 22.08 4.75 8.97
C ILE E 48 21.98 5.66 7.75
N PHE E 49 20.99 5.46 6.90
CA PHE E 49 20.80 6.27 5.70
C PHE E 49 19.31 6.36 5.41
N LEU E 50 18.85 7.56 5.09
CA LEU E 50 17.46 7.81 4.77
C LEU E 50 17.40 8.63 3.50
N ARG E 51 16.61 8.19 2.51
CA ARG E 51 16.33 8.99 1.33
C ARG E 51 14.83 9.27 1.27
N ASP E 52 14.46 10.54 1.34
CA ASP E 52 13.05 10.91 1.25
C ASP E 52 12.90 12.13 0.33
N SER E 53 11.71 12.72 0.34
CA SER E 53 11.42 13.84 -0.54
C SER E 53 12.37 15.01 -0.33
N SER E 54 12.96 15.12 0.87
CA SER E 54 13.82 16.25 1.19
C SER E 54 15.28 16.02 0.83
N GLY E 55 15.68 14.80 0.43
CA GLY E 55 17.04 14.54 -0.01
C GLY E 55 17.61 13.31 0.68
N ASP E 56 18.95 13.22 0.70
CA ASP E 56 19.67 12.13 1.33
C ASP E 56 20.15 12.54 2.71
N HIS E 57 20.10 11.59 3.66
CA HIS E 57 20.37 11.88 5.07
C HIS E 57 21.12 10.73 5.71
N ILE E 58 22.42 10.94 6.00
CA ILE E 58 23.21 9.99 6.77
C ILE E 58 23.04 10.30 8.25
N GLN E 59 22.77 9.27 9.05
CA GLN E 59 22.30 9.47 10.40
C GLN E 59 23.40 9.55 11.45
N GLN E 60 24.56 8.93 11.21
CA GLN E 60 25.68 9.02 12.15
C GLN E 60 26.91 9.63 11.47
N ALA E 61 27.74 10.29 12.28
CA ALA E 61 28.89 10.99 11.73
C ALA E 61 29.96 10.03 11.24
N LYS E 62 30.03 8.82 11.83
CA LYS E 62 31.06 7.87 11.44
C LYS E 62 30.89 7.38 10.01
N TYR E 63 29.71 7.56 9.42
CA TYR E 63 29.47 7.18 8.04
C TYR E 63 29.65 8.35 7.09
N GLN E 64 29.96 9.54 7.60
CA GLN E 64 30.02 10.72 6.75
C GLN E 64 31.20 10.62 5.80
N GLY E 65 30.96 10.87 4.51
CA GLY E 65 31.95 10.63 3.48
C GLY E 65 32.26 9.18 3.19
N ARG E 66 31.71 8.24 3.95
CA ARG E 66 31.96 6.81 3.76
C ARG E 66 30.78 6.06 3.15
N LEU E 67 29.65 6.73 2.91
CA LEU E 67 28.44 6.01 2.56
C LEU E 67 27.74 6.68 1.39
N HIS E 68 27.46 5.89 0.36
CA HIS E 68 26.76 6.32 -0.84
C HIS E 68 25.63 5.35 -1.16
N VAL E 69 24.53 5.86 -1.69
CA VAL E 69 23.44 5.02 -2.18
C VAL E 69 23.17 5.37 -3.62
N SER E 70 23.13 4.35 -4.47
CA SER E 70 22.93 4.58 -5.89
C SER E 70 21.60 5.27 -6.15
N HIS E 71 21.59 6.10 -7.17
CA HIS E 71 20.41 6.88 -7.49
C HIS E 71 20.26 7.16 -8.97
N LYS E 72 21.12 6.63 -9.83
CA LYS E 72 21.04 6.95 -11.25
C LYS E 72 19.96 6.14 -11.95
N VAL E 73 19.82 4.87 -11.60
CA VAL E 73 18.94 3.94 -12.30
C VAL E 73 17.75 3.63 -11.41
N PRO E 74 16.52 3.80 -11.89
CA PRO E 74 15.36 3.39 -11.08
C PRO E 74 15.43 1.91 -10.76
N GLY E 75 15.15 1.57 -9.50
CA GLY E 75 15.17 0.20 -9.05
C GLY E 75 16.49 -0.32 -8.53
N ASP E 76 17.51 0.54 -8.40
CA ASP E 76 18.79 0.14 -7.85
C ASP E 76 19.13 1.11 -6.74
N VAL E 77 19.03 0.67 -5.49
CA VAL E 77 19.33 1.54 -4.36
C VAL E 77 20.41 0.89 -3.52
N SER E 78 21.40 0.30 -4.20
CA SER E 78 22.50 -0.36 -3.53
C SER E 78 23.31 0.62 -2.68
N LEU E 79 23.91 0.08 -1.63
CA LEU E 79 24.70 0.84 -0.66
C LEU E 79 26.17 0.55 -0.89
N GLN E 80 26.99 1.60 -0.91
CA GLN E 80 28.44 1.47 -0.97
C GLN E 80 29.06 2.03 0.28
N LEU E 81 29.96 1.26 0.90
CA LEU E 81 30.68 1.64 2.09
C LEU E 81 32.16 1.65 1.76
N SER E 82 32.87 2.69 2.18
CA SER E 82 34.28 2.86 1.87
C SER E 82 35.11 2.77 3.14
N THR E 83 36.34 2.26 2.99
CA THR E 83 37.28 2.01 4.08
C THR E 83 36.60 1.27 5.24
N LEU E 84 36.33 -0.01 4.99
CA LEU E 84 35.62 -0.84 5.95
C LEU E 84 36.42 -1.03 7.24
N GLU E 85 35.73 -1.05 8.36
CA GLU E 85 36.31 -1.41 9.64
C GLU E 85 35.74 -2.75 10.09
N MET E 86 36.48 -3.39 11.01
CA MET E 86 35.95 -4.55 11.71
C MET E 86 34.56 -4.29 12.28
N ASP E 87 34.33 -3.09 12.81
CA ASP E 87 33.04 -2.73 13.40
C ASP E 87 31.92 -2.61 12.37
N ASP E 88 32.23 -2.61 11.07
CA ASP E 88 31.18 -2.54 10.07
C ASP E 88 30.53 -3.88 9.80
N ARG E 89 31.08 -4.97 10.31
CA ARG E 89 30.43 -6.27 10.20
C ARG E 89 29.08 -6.20 10.88
N SER E 90 28.02 -6.55 10.14
CA SER E 90 26.67 -6.48 10.68
C SER E 90 25.68 -7.00 9.64
N HIS E 91 24.44 -7.14 10.10
CA HIS E 91 23.31 -7.40 9.22
C HIS E 91 22.70 -6.06 8.82
N TYR E 92 22.68 -5.79 7.51
CA TYR E 92 22.16 -4.55 6.97
C TYR E 92 20.84 -4.81 6.27
N THR E 93 19.88 -3.94 6.51
CA THR E 93 18.55 -4.05 5.93
C THR E 93 18.34 -2.91 4.94
N CYS E 94 17.89 -3.27 3.75
CA CYS E 94 17.43 -2.31 2.75
C CYS E 94 15.90 -2.29 2.80
N GLU E 95 15.33 -1.11 2.97
CA GLU E 95 13.89 -0.94 3.15
C GLU E 95 13.40 0.12 2.18
N VAL E 96 12.45 -0.24 1.32
CA VAL E 96 11.94 0.65 0.29
C VAL E 96 10.43 0.79 0.45
N THR E 97 9.95 2.02 0.39
CA THR E 97 8.53 2.33 0.41
C THR E 97 8.11 2.93 -0.92
N TRP E 98 7.01 2.43 -1.46
CA TRP E 98 6.42 2.97 -2.68
C TRP E 98 5.02 3.49 -2.36
N GLN E 99 4.52 4.36 -3.23
CA GLN E 99 3.14 4.79 -3.25
C GLN E 99 2.52 4.38 -4.58
N THR E 100 1.34 3.76 -4.51
CA THR E 100 0.61 3.30 -5.69
C THR E 100 -0.28 4.43 -6.20
N PRO E 101 -0.89 4.28 -7.38
CA PRO E 101 -1.78 5.35 -7.87
C PRO E 101 -2.97 5.61 -6.97
N ASP E 102 -3.40 4.61 -6.19
N ASP E 102 -3.41 4.63 -6.18
CA ASP E 102 -4.50 4.79 -5.24
CA ASP E 102 -4.54 4.88 -5.28
C ASP E 102 -4.11 5.64 -4.05
C ASP E 102 -4.12 5.61 -4.01
N GLY E 103 -2.82 5.77 -3.76
CA GLY E 103 -2.33 6.47 -2.60
C GLY E 103 -1.79 5.58 -1.50
N ASN E 104 -2.22 4.32 -1.43
CA ASN E 104 -1.63 3.37 -0.48
C ASN E 104 -0.12 3.33 -0.61
N GLN E 105 0.53 3.02 0.50
CA GLN E 105 1.96 2.78 0.55
C GLN E 105 2.24 1.29 0.74
N VAL E 106 3.23 0.80 0.00
CA VAL E 106 3.69 -0.59 0.08
C VAL E 106 5.15 -0.53 0.50
N VAL E 107 5.53 -1.39 1.45
CA VAL E 107 6.88 -1.39 2.00
C VAL E 107 7.45 -2.79 1.88
N ARG E 108 8.70 -2.90 1.45
CA ARG E 108 9.40 -4.19 1.48
C ARG E 108 10.79 -3.95 2.05
N ASP E 109 11.33 -4.96 2.72
CA ASP E 109 12.71 -4.89 3.16
C ASP E 109 13.37 -6.26 2.99
N LYS E 110 14.70 -6.27 3.10
CA LYS E 110 15.49 -7.50 3.00
C LYS E 110 16.86 -7.27 3.62
N ILE E 111 17.44 -8.34 4.14
CA ILE E 111 18.62 -8.30 4.98
C ILE E 111 19.80 -8.96 4.27
N THR E 112 20.97 -8.32 4.37
CA THR E 112 22.22 -8.94 3.99
C THR E 112 23.19 -8.90 5.17
N GLU E 113 24.05 -9.91 5.27
CA GLU E 113 25.12 -9.94 6.27
C GLU E 113 26.39 -9.44 5.59
N LEU E 114 27.01 -8.41 6.16
CA LEU E 114 28.27 -7.89 5.66
C LEU E 114 29.39 -8.48 6.49
N ARG E 115 30.27 -9.22 5.84
CA ARG E 115 31.48 -9.74 6.46
C ARG E 115 32.67 -8.90 6.00
N VAL E 116 33.61 -8.65 6.91
CA VAL E 116 34.81 -7.88 6.61
C VAL E 116 36.01 -8.80 6.79
N GLN E 117 36.75 -9.01 5.70
CA GLN E 117 37.87 -9.95 5.67
C GLN E 117 39.20 -9.21 5.73
N LYS E 118 40.03 -9.58 6.71
CA LYS E 118 41.37 -9.03 6.86
C LYS E 118 42.35 -10.05 6.24
N ALA E 119 42.74 -9.81 4.99
CA ALA E 119 43.57 -10.74 4.25
C ALA E 119 44.93 -10.12 3.91
N ALA E 120 45.95 -10.97 3.82
CA ALA E 120 47.28 -10.53 3.43
C ALA E 120 47.32 -10.21 1.93
N ALA E 121 48.25 -9.32 1.57
CA ALA E 121 48.38 -8.89 0.19
C ALA E 121 48.80 -10.06 -0.71
N HIS E 122 48.21 -10.12 -1.90
CA HIS E 122 48.62 -11.10 -2.90
C HIS E 122 49.97 -10.69 -3.51
N HIS E 123 50.69 -11.70 -4.01
CA HIS E 123 52.03 -11.45 -4.55
C HIS E 123 52.25 -12.40 -5.72
N HIS E 124 52.27 -11.85 -6.94
CA HIS E 124 52.39 -12.67 -8.14
C HIS E 124 53.67 -13.51 -8.11
N HIS E 125 53.57 -14.74 -8.64
CA HIS E 125 54.64 -15.73 -8.62
C HIS E 125 55.90 -15.23 -9.32
N HIS E 126 57.03 -15.83 -8.94
CA HIS E 126 58.31 -15.53 -9.58
C HIS E 126 58.60 -16.53 -10.69
N GLN F 1 23.48 -27.63 2.52
CA GLN F 1 22.05 -27.77 2.29
C GLN F 1 21.29 -27.11 3.44
N VAL F 2 20.04 -26.76 3.20
CA VAL F 2 19.11 -26.31 4.24
C VAL F 2 17.98 -27.33 4.33
N GLN F 3 17.80 -27.92 5.50
CA GLN F 3 16.67 -28.79 5.77
C GLN F 3 15.72 -28.05 6.70
N LEU F 4 14.49 -27.86 6.25
CA LEU F 4 13.38 -27.48 7.11
C LEU F 4 12.45 -28.66 7.21
N VAL F 5 12.14 -29.10 8.43
CA VAL F 5 11.34 -30.30 8.60
C VAL F 5 10.17 -29.99 9.52
N GLU F 6 8.95 -30.09 8.99
CA GLU F 6 7.75 -29.93 9.80
C GLU F 6 7.36 -31.25 10.45
N SER F 7 6.86 -31.17 11.68
CA SER F 7 6.30 -32.34 12.35
C SER F 7 5.25 -31.85 13.34
N GLY F 8 4.53 -32.81 13.93
CA GLY F 8 3.45 -32.50 14.83
C GLY F 8 2.07 -32.46 14.21
N GLY F 9 1.94 -32.77 12.92
CA GLY F 9 0.66 -32.70 12.24
C GLY F 9 -0.17 -33.95 12.45
N GLY F 10 -1.12 -34.16 11.54
CA GLY F 10 -1.95 -35.35 11.54
C GLY F 10 -3.42 -35.06 11.74
N LEU F 11 -4.18 -36.11 12.07
CA LEU F 11 -5.63 -36.02 12.27
C LEU F 11 -5.96 -35.61 13.70
N VAL F 12 -6.85 -34.64 13.86
CA VAL F 12 -7.24 -34.15 15.18
C VAL F 12 -8.73 -33.82 15.18
N GLN F 13 -9.33 -33.89 16.36
CA GLN F 13 -10.74 -33.58 16.52
C GLN F 13 -10.97 -32.07 16.66
N ALA F 14 -12.06 -31.59 16.06
CA ALA F 14 -12.41 -30.18 16.18
C ALA F 14 -12.49 -29.77 17.65
N GLY F 15 -12.00 -28.59 17.94
CA GLY F 15 -11.88 -28.13 19.31
C GLY F 15 -10.56 -28.50 19.97
N GLY F 16 -9.84 -29.46 19.40
CA GLY F 16 -8.57 -29.89 19.93
C GLY F 16 -7.42 -28.98 19.55
N SER F 17 -6.22 -29.48 19.84
CA SER F 17 -5.02 -28.70 19.71
C SER F 17 -3.93 -29.55 19.08
N LEU F 18 -3.07 -28.89 18.34
CA LEU F 18 -1.85 -29.47 17.82
C LEU F 18 -0.75 -28.44 17.97
N ARG F 19 0.48 -28.92 18.00
N ARG F 19 0.48 -28.93 18.02
CA ARG F 19 1.66 -28.06 18.07
CA ARG F 19 1.65 -28.08 18.05
C ARG F 19 2.59 -28.50 16.95
C ARG F 19 2.55 -28.52 16.92
N LEU F 20 2.68 -27.68 15.90
CA LEU F 20 3.61 -27.98 14.82
C LEU F 20 4.99 -27.47 15.20
N SER F 21 5.99 -28.15 14.68
CA SER F 21 7.36 -27.75 14.87
C SER F 21 8.02 -27.76 13.51
N CYS F 22 8.96 -26.86 13.33
CA CYS F 22 9.77 -26.77 12.13
C CYS F 22 11.20 -26.61 12.56
N ALA F 23 12.00 -27.65 12.38
CA ALA F 23 13.43 -27.63 12.74
C ALA F 23 14.25 -27.26 11.52
N ALA F 24 15.17 -26.33 11.69
CA ALA F 24 16.02 -25.87 10.60
C ALA F 24 17.45 -26.29 10.83
N SER F 25 18.19 -26.44 9.74
CA SER F 25 19.59 -26.85 9.83
C SER F 25 20.28 -26.39 8.55
N GLY F 26 21.22 -25.45 8.69
CA GLY F 26 21.99 -24.97 7.56
C GLY F 26 22.61 -23.60 7.80
N THR F 28 22.62 -20.04 10.86
CA THR F 28 22.29 -18.64 11.10
C THR F 28 20.78 -18.43 11.24
N PHE F 29 20.12 -19.45 11.79
CA PHE F 29 18.67 -19.45 11.98
C PHE F 29 18.15 -18.13 12.55
N SER F 30 18.79 -17.62 13.60
CA SER F 30 18.25 -16.48 14.34
C SER F 30 18.14 -15.23 13.48
N SER F 31 18.89 -15.17 12.39
CA SER F 31 18.90 -14.03 11.49
C SER F 31 17.85 -14.12 10.40
N TYR F 32 17.00 -15.15 10.42
CA TYR F 32 15.99 -15.36 9.39
C TYR F 32 14.60 -15.15 9.96
N GLY F 33 13.71 -14.58 9.15
CA GLY F 33 12.30 -14.62 9.45
C GLY F 33 11.71 -15.97 9.05
N MET F 34 10.87 -16.51 9.93
CA MET F 34 10.29 -17.83 9.72
C MET F 34 8.78 -17.68 9.57
N GLY F 35 8.20 -18.31 8.56
CA GLY F 35 6.77 -18.23 8.35
C GLY F 35 6.10 -19.57 8.22
N TRP F 36 4.80 -19.59 8.52
CA TRP F 36 3.93 -20.72 8.30
C TRP F 36 2.88 -20.31 7.28
N PHE F 37 2.75 -21.11 6.23
CA PHE F 37 1.72 -20.96 5.21
C PHE F 37 0.92 -22.27 5.19
N ARG F 38 -0.30 -22.21 4.67
CA ARG F 38 -1.10 -23.42 4.57
C ARG F 38 -1.86 -23.43 3.27
N GLN F 39 -2.10 -24.63 2.74
CA GLN F 39 -2.80 -24.79 1.47
C GLN F 39 -3.72 -25.99 1.53
N ALA F 40 -4.99 -25.77 1.22
CA ALA F 40 -6.00 -26.82 1.09
C ALA F 40 -6.34 -27.05 -0.37
N PRO F 41 -6.79 -28.25 -0.77
CA PRO F 41 -7.03 -28.51 -2.19
C PRO F 41 -8.11 -27.58 -2.73
N GLY F 42 -7.89 -27.11 -3.95
CA GLY F 42 -8.77 -26.14 -4.57
C GLY F 42 -8.63 -24.71 -4.07
N LYS F 43 -7.70 -24.44 -3.17
CA LYS F 43 -7.52 -23.10 -2.63
C LYS F 43 -6.07 -22.66 -2.80
N GLU F 44 -5.84 -21.35 -2.71
CA GLU F 44 -4.48 -20.82 -2.81
C GLU F 44 -3.74 -21.08 -1.50
N ARG F 45 -2.41 -21.15 -1.59
CA ARG F 45 -1.60 -21.10 -0.39
C ARG F 45 -1.85 -19.76 0.29
N GLU F 46 -1.97 -19.76 1.61
CA GLU F 46 -2.21 -18.51 2.31
C GLU F 46 -1.33 -18.41 3.57
N PHE F 47 -1.04 -17.17 3.93
CA PHE F 47 -0.24 -16.88 5.09
C PHE F 47 -0.98 -17.26 6.38
N VAL F 48 -0.26 -17.83 7.33
CA VAL F 48 -0.82 -18.18 8.64
C VAL F 48 -0.17 -17.34 9.75
N ALA F 49 1.14 -17.46 9.92
CA ALA F 49 1.84 -16.73 10.97
C ALA F 49 3.31 -16.62 10.60
N ALA F 50 3.98 -15.64 11.18
CA ALA F 50 5.41 -15.46 10.97
C ALA F 50 6.05 -14.88 12.24
N ILE F 51 7.33 -15.15 12.40
CA ILE F 51 8.12 -14.60 13.50
C ILE F 51 9.39 -14.04 12.89
N GLY F 52 9.65 -12.76 13.15
CA GLY F 52 10.71 -12.05 12.49
C GLY F 52 12.10 -12.46 12.96
N PRO F 53 13.12 -12.08 12.21
CA PRO F 53 14.50 -12.35 12.64
C PRO F 53 14.83 -11.57 13.90
N PHE F 54 15.96 -11.93 14.51
CA PHE F 54 16.53 -11.21 15.65
C PHE F 54 15.59 -11.24 16.84
N GLY F 55 14.85 -10.16 17.10
CA GLY F 55 13.99 -10.09 18.27
C GLY F 55 12.71 -10.91 18.20
N GLY F 56 12.34 -11.43 17.03
CA GLY F 56 11.16 -12.29 16.96
C GLY F 56 9.80 -11.65 17.12
N THR F 57 9.56 -10.51 16.48
CA THR F 57 8.21 -9.94 16.39
C THR F 57 7.28 -10.96 15.73
N THR F 58 6.03 -11.08 16.23
CA THR F 58 5.12 -12.08 15.69
C THR F 58 3.97 -11.44 14.89
N TYR F 59 3.55 -12.14 13.83
CA TYR F 59 2.54 -11.67 12.88
C TYR F 59 1.54 -12.79 12.61
N TYR F 60 0.25 -12.45 12.52
CA TYR F 60 -0.81 -13.47 12.37
C TYR F 60 -1.83 -13.07 11.32
N ALA F 61 -2.32 -14.08 10.59
CA ALA F 61 -3.53 -13.93 9.79
C ALA F 61 -4.73 -13.72 10.72
N ASP F 62 -5.68 -12.86 10.29
CA ASP F 62 -6.91 -12.63 11.07
C ASP F 62 -7.60 -13.93 11.45
N SER F 63 -7.60 -14.91 10.55
CA SER F 63 -8.37 -16.13 10.80
C SER F 63 -7.82 -16.99 11.95
N VAL F 64 -6.59 -16.75 12.42
CA VAL F 64 -6.02 -17.56 13.48
C VAL F 64 -5.65 -16.75 14.71
N LYS F 65 -5.87 -15.44 14.68
CA LYS F 65 -5.62 -14.60 15.86
C LYS F 65 -6.44 -15.11 17.03
N GLY F 66 -5.80 -15.21 18.20
CA GLY F 66 -6.45 -15.70 19.39
C GLY F 66 -6.45 -17.21 19.54
N ARG F 67 -6.03 -17.93 18.52
CA ARG F 67 -6.06 -19.38 18.52
C ARG F 67 -4.67 -19.99 18.29
N PHE F 68 -3.89 -19.44 17.34
CA PHE F 68 -2.56 -19.95 17.04
C PHE F 68 -1.49 -19.05 17.65
N THR F 69 -0.35 -19.64 17.99
CA THR F 69 0.76 -18.90 18.54
C THR F 69 2.04 -19.41 17.90
N ILE F 70 2.82 -18.49 17.32
CA ILE F 70 4.12 -18.83 16.75
C ILE F 70 5.20 -18.43 17.74
N SER F 71 6.25 -19.25 17.85
CA SER F 71 7.39 -18.93 18.69
C SER F 71 8.63 -19.58 18.08
N ARG F 72 9.79 -19.23 18.62
CA ARG F 72 11.03 -19.83 18.13
C ARG F 72 11.98 -20.07 19.30
N ASP F 73 12.78 -21.12 19.16
CA ASP F 73 13.80 -21.49 20.14
C ASP F 73 15.10 -21.54 19.33
N ASN F 74 15.82 -20.42 19.31
CA ASN F 74 17.02 -20.36 18.48
C ASN F 74 18.09 -21.32 18.97
N ALA F 75 18.09 -21.65 20.27
CA ALA F 75 19.00 -22.67 20.78
C ALA F 75 18.84 -23.99 20.03
N LYS F 76 17.59 -24.35 19.70
CA LYS F 76 17.28 -25.62 19.05
C LYS F 76 16.93 -25.47 17.58
N ASN F 77 17.14 -24.30 16.98
CA ASN F 77 16.84 -24.05 15.57
C ASN F 77 15.42 -24.48 15.18
N THR F 78 14.46 -24.26 16.08
CA THR F 78 13.10 -24.73 15.87
C THR F 78 12.11 -23.59 16.00
N VAL F 79 11.14 -23.53 15.09
CA VAL F 79 10.00 -22.63 15.19
C VAL F 79 8.76 -23.48 15.45
N TYR F 80 7.91 -23.02 16.36
CA TYR F 80 6.73 -23.75 16.76
C TYR F 80 5.48 -22.99 16.36
N LEU F 81 4.41 -23.72 16.05
CA LEU F 81 3.08 -23.13 15.87
C LEU F 81 2.14 -23.89 16.80
N GLN F 82 1.80 -23.29 17.94
CA GLN F 82 0.76 -23.87 18.79
C GLN F 82 -0.61 -23.56 18.19
N MET F 83 -1.36 -24.60 17.83
CA MET F 83 -2.67 -24.43 17.21
C MET F 83 -3.76 -24.94 18.14
N ASN F 84 -4.49 -24.02 18.75
CA ASN F 84 -5.58 -24.32 19.67
C ASN F 84 -6.92 -24.07 19.02
N SER F 85 -7.97 -24.62 19.65
CA SER F 85 -9.34 -24.44 19.21
C SER F 85 -9.48 -24.70 17.71
N LEU F 86 -8.89 -25.81 17.27
CA LEU F 86 -8.85 -26.15 15.86
C LEU F 86 -10.25 -26.35 15.31
N LYS F 87 -10.45 -25.93 14.06
CA LYS F 87 -11.71 -25.99 13.34
C LYS F 87 -11.52 -26.73 12.02
N PRO F 88 -12.59 -27.31 11.47
CA PRO F 88 -12.43 -28.03 10.19
C PRO F 88 -11.84 -27.18 9.09
N GLU F 89 -12.10 -25.87 9.12
CA GLU F 89 -11.53 -24.93 8.17
C GLU F 89 -10.02 -24.79 8.27
N ASP F 90 -9.42 -25.28 9.34
CA ASP F 90 -7.96 -25.27 9.43
C ASP F 90 -7.31 -26.44 8.71
N THR F 91 -8.10 -27.38 8.17
CA THR F 91 -7.54 -28.52 7.42
C THR F 91 -6.74 -28.00 6.24
N ALA F 92 -5.47 -28.44 6.14
CA ALA F 92 -4.59 -27.99 5.06
C ALA F 92 -3.24 -28.68 5.21
N VAL F 93 -2.43 -28.58 4.17
CA VAL F 93 -1.00 -28.85 4.30
C VAL F 93 -0.34 -27.59 4.84
N TYR F 94 0.43 -27.72 5.93
CA TYR F 94 1.09 -26.59 6.57
C TYR F 94 2.58 -26.62 6.23
N TYR F 95 3.07 -25.51 5.68
CA TYR F 95 4.45 -25.35 5.26
C TYR F 95 5.17 -24.36 6.17
N CYS F 96 6.41 -24.66 6.53
CA CYS F 96 7.27 -23.65 7.13
C CYS F 96 8.27 -23.16 6.07
N ALA F 97 8.63 -21.88 6.20
CA ALA F 97 9.54 -21.25 5.25
C ALA F 97 10.46 -20.27 5.98
N ALA F 98 11.65 -20.08 5.42
CA ALA F 98 12.65 -19.16 5.96
C ALA F 98 12.91 -18.05 4.94
N GLY F 99 12.92 -16.79 5.42
CA GLY F 99 13.18 -15.66 4.54
C GLY F 99 14.08 -14.64 5.20
N ARG F 100 14.46 -13.63 4.41
CA ARG F 100 15.35 -12.58 4.87
C ARG F 100 14.68 -11.21 4.88
N TRP F 101 13.35 -11.17 4.85
CA TRP F 101 12.63 -9.98 5.27
C TRP F 101 12.92 -9.69 6.74
N ASN F 102 12.75 -8.43 7.13
CA ASN F 102 13.03 -8.02 8.50
C ASN F 102 11.71 -7.67 9.19
N ARG F 103 11.07 -6.57 8.76
CA ARG F 103 9.90 -6.01 9.40
C ARG F 103 8.70 -5.90 8.47
N TYR F 104 8.85 -6.21 7.19
CA TYR F 104 7.82 -6.05 6.17
C TYR F 104 7.81 -7.26 5.25
N GLY F 105 6.69 -7.46 4.57
CA GLY F 105 6.61 -8.44 3.49
C GLY F 105 6.48 -9.89 3.92
N GLU F 106 6.18 -10.15 5.19
CA GLU F 106 6.23 -11.53 5.66
C GLU F 106 5.05 -12.37 5.18
N GLN F 107 3.99 -11.75 4.65
CA GLN F 107 2.83 -12.50 4.19
C GLN F 107 2.91 -12.86 2.70
N ASP F 108 3.99 -12.48 2.04
CA ASP F 108 4.18 -12.70 0.61
C ASP F 108 5.02 -13.96 0.42
N GLN F 109 4.41 -15.01 -0.13
CA GLN F 109 5.10 -16.29 -0.23
C GLN F 109 6.28 -16.24 -1.19
N TYR F 110 6.29 -15.28 -2.11
CA TYR F 110 7.45 -15.12 -2.99
C TYR F 110 8.60 -14.38 -2.33
N ASN F 111 8.43 -13.97 -1.07
CA ASN F 111 9.44 -13.22 -0.33
C ASN F 111 10.30 -14.10 0.56
N TYR F 112 10.23 -15.42 0.42
CA TYR F 112 10.98 -16.31 1.28
C TYR F 112 12.13 -16.94 0.49
N GLU F 113 13.00 -17.65 1.21
CA GLU F 113 14.18 -18.21 0.58
C GLU F 113 14.20 -19.74 0.58
N TYR F 114 13.83 -20.38 1.68
CA TYR F 114 13.85 -21.83 1.78
C TYR F 114 12.48 -22.35 2.23
N TRP F 115 12.09 -23.51 1.70
CA TRP F 115 10.76 -24.05 1.94
C TRP F 115 10.83 -25.47 2.46
N GLY F 116 10.10 -25.74 3.55
CA GLY F 116 9.78 -27.10 3.90
C GLY F 116 8.83 -27.68 2.88
N GLN F 117 8.60 -28.98 2.98
CA GLN F 117 7.68 -29.62 2.04
C GLN F 117 6.31 -29.84 2.66
N GLY F 118 6.10 -29.39 3.89
CA GLY F 118 4.77 -29.34 4.45
C GLY F 118 4.36 -30.64 5.12
N THR F 119 3.40 -30.52 6.04
CA THR F 119 2.80 -31.65 6.73
C THR F 119 1.29 -31.47 6.77
N GLN F 120 0.56 -32.57 6.61
CA GLN F 120 -0.90 -32.52 6.58
C GLN F 120 -1.45 -32.32 7.98
N VAL F 121 -2.41 -31.41 8.12
CA VAL F 121 -3.22 -31.26 9.31
C VAL F 121 -4.68 -31.47 8.88
N THR F 122 -5.37 -32.41 9.50
CA THR F 122 -6.77 -32.64 9.18
C THR F 122 -7.59 -32.51 10.46
N VAL F 123 -8.56 -31.59 10.45
CA VAL F 123 -9.43 -31.35 11.59
C VAL F 123 -10.79 -31.95 11.27
N SER F 124 -11.29 -32.81 12.17
CA SER F 124 -12.49 -33.59 11.97
C SER F 124 -13.47 -33.31 13.09
N SER F 125 -14.73 -33.07 12.73
CA SER F 125 -15.83 -32.91 13.70
C SER F 125 -16.55 -34.25 13.76
N ALA F 126 -16.15 -35.08 14.72
CA ALA F 126 -16.74 -36.41 14.89
C ALA F 126 -17.10 -36.73 16.34
N ALA F 127 -17.12 -35.72 17.23
CA ALA F 127 -17.41 -35.98 18.64
C ALA F 127 -18.85 -36.42 18.86
N ALA F 128 -19.73 -36.22 17.88
CA ALA F 128 -21.11 -36.72 17.91
C ALA F 128 -21.89 -36.14 19.08
N ARG G 1 -4.99 13.41 -5.38
N ARG G 1 -4.96 13.21 -5.32
CA ARG G 1 -5.99 12.44 -5.83
CA ARG G 1 -6.06 12.30 -5.64
C ARG G 1 -7.40 12.99 -5.58
C ARG G 1 -7.39 13.05 -5.64
N PRO G 2 -8.36 12.56 -6.40
CA PRO G 2 -9.69 13.17 -6.36
C PRO G 2 -10.40 12.89 -5.06
N ILE G 3 -11.29 13.82 -4.70
CA ILE G 3 -12.06 13.75 -3.47
C ILE G 3 -13.50 14.07 -3.83
N LEU G 4 -14.42 13.14 -3.54
CA LEU G 4 -15.83 13.42 -3.79
C LEU G 4 -16.45 14.22 -2.67
N GLU G 5 -17.27 15.20 -3.03
N GLU G 5 -17.24 15.22 -3.05
CA GLU G 5 -17.99 16.02 -2.05
CA GLU G 5 -18.03 16.03 -2.14
C GLU G 5 -19.46 15.61 -2.08
C GLU G 5 -19.46 15.51 -2.14
N VAL G 6 -19.92 15.03 -0.98
CA VAL G 6 -21.26 14.48 -0.87
C VAL G 6 -21.76 14.84 0.52
N PRO G 7 -22.92 15.48 0.65
CA PRO G 7 -23.39 15.86 1.98
C PRO G 7 -23.73 14.65 2.84
N GLU G 8 -23.55 14.82 4.14
CA GLU G 8 -23.81 13.75 5.10
C GLU G 8 -25.25 13.25 4.99
N SER G 9 -26.21 14.15 4.81
CA SER G 9 -27.60 13.75 4.67
C SER G 9 -28.35 14.75 3.80
N VAL G 10 -29.45 14.27 3.23
CA VAL G 10 -30.35 15.08 2.42
C VAL G 10 -31.76 14.66 2.80
N THR G 11 -32.66 15.64 2.95
CA THR G 11 -34.07 15.36 3.22
C THR G 11 -34.91 15.75 2.02
N GLY G 12 -35.83 14.89 1.63
CA GLY G 12 -36.74 15.16 0.53
C GLY G 12 -38.20 15.01 0.92
N PRO G 13 -39.08 15.71 0.20
CA PRO G 13 -40.52 15.62 0.48
C PRO G 13 -41.11 14.32 -0.04
N TRP G 14 -41.90 13.66 0.81
CA TRP G 14 -42.66 12.50 0.39
C TRP G 14 -43.49 12.80 -0.86
N LYS G 15 -43.32 11.96 -1.88
CA LYS G 15 -43.98 12.04 -3.19
C LYS G 15 -43.50 13.23 -4.01
N GLY G 16 -42.46 13.93 -3.55
CA GLY G 16 -41.78 14.96 -4.31
C GLY G 16 -40.43 14.51 -4.81
N ASP G 17 -39.57 15.49 -5.08
CA ASP G 17 -38.30 15.27 -5.76
C ASP G 17 -37.15 15.70 -4.85
N VAL G 18 -35.97 15.11 -5.07
CA VAL G 18 -34.80 15.43 -4.25
C VAL G 18 -33.55 15.38 -5.13
N ASN G 19 -32.54 16.16 -4.76
CA ASN G 19 -31.24 16.14 -5.42
C ASN G 19 -30.20 15.61 -4.43
N LEU G 20 -29.40 14.62 -4.85
CA LEU G 20 -28.30 14.12 -4.03
C LEU G 20 -26.97 14.60 -4.60
N PRO G 21 -26.37 15.67 -4.08
CA PRO G 21 -25.15 16.20 -4.70
C PRO G 21 -24.00 15.21 -4.64
N CYS G 22 -23.24 15.15 -5.74
CA CYS G 22 -21.96 14.47 -5.78
C CYS G 22 -21.10 15.23 -6.78
N THR G 23 -20.08 15.91 -6.28
CA THR G 23 -19.26 16.78 -7.10
C THR G 23 -17.79 16.58 -6.75
N TYR G 24 -16.93 17.05 -7.64
CA TYR G 24 -15.50 17.01 -7.41
C TYR G 24 -14.82 17.99 -8.35
N ASP G 25 -13.59 18.37 -7.99
CA ASP G 25 -12.78 19.22 -8.87
C ASP G 25 -12.10 18.35 -9.91
N PRO G 26 -12.42 18.49 -11.19
CA PRO G 26 -11.75 17.65 -12.19
C PRO G 26 -10.24 17.94 -12.20
N LEU G 27 -9.45 16.87 -12.12
CA LEU G 27 -7.99 16.96 -12.09
C LEU G 27 -7.41 16.69 -13.48
N GLN G 28 -6.33 17.43 -13.83
CA GLN G 28 -5.67 17.17 -15.12
C GLN G 28 -5.14 15.75 -15.19
N GLY G 29 -5.28 15.12 -16.35
CA GLY G 29 -4.85 13.76 -16.53
C GLY G 29 -5.76 12.69 -15.97
N TYR G 30 -6.77 13.04 -15.17
CA TYR G 30 -7.77 12.09 -14.67
C TYR G 30 -9.00 12.19 -15.54
N THR G 31 -9.27 11.14 -16.32
CA THR G 31 -10.44 11.11 -17.19
C THR G 31 -11.51 10.25 -16.51
N GLN G 32 -12.69 10.83 -16.31
CA GLN G 32 -13.81 10.08 -15.76
C GLN G 32 -14.22 8.99 -16.75
N VAL G 33 -14.26 7.74 -16.29
CA VAL G 33 -14.66 6.62 -17.14
C VAL G 33 -15.85 5.85 -16.59
N LEU G 34 -16.20 5.98 -15.31
CA LEU G 34 -17.39 5.31 -14.81
C LEU G 34 -17.98 6.11 -13.66
N VAL G 35 -19.32 6.16 -13.62
CA VAL G 35 -20.07 6.73 -12.50
C VAL G 35 -21.11 5.71 -12.04
N LYS G 36 -21.12 5.42 -10.74
CA LYS G 36 -22.15 4.56 -10.18
C LYS G 36 -22.83 5.26 -9.01
N TRP G 37 -24.13 5.04 -8.88
CA TRP G 37 -24.86 5.33 -7.66
C TRP G 37 -25.39 4.01 -7.14
N LEU G 38 -25.20 3.78 -5.85
CA LEU G 38 -25.57 2.53 -5.20
C LEU G 38 -26.42 2.83 -3.99
N VAL G 39 -27.30 1.89 -3.66
CA VAL G 39 -28.12 1.95 -2.47
C VAL G 39 -27.68 0.81 -1.56
N GLN G 40 -27.57 1.10 -0.26
CA GLN G 40 -27.02 0.11 0.65
C GLN G 40 -28.10 -0.88 1.07
N ARG G 41 -27.78 -2.17 0.97
CA ARG G 41 -28.67 -3.28 1.36
C ARG G 41 -27.85 -4.14 2.33
N GLY G 42 -27.90 -3.82 3.61
CA GLY G 42 -27.04 -4.51 4.57
C GLY G 42 -25.58 -4.24 4.29
N SER G 43 -24.77 -5.30 4.21
CA SER G 43 -23.36 -5.11 3.93
C SER G 43 -23.06 -4.87 2.45
N ASP G 44 -24.07 -4.91 1.57
CA ASP G 44 -23.80 -4.85 0.13
C ASP G 44 -24.38 -3.57 -0.47
N PRO G 45 -23.59 -2.75 -1.14
CA PRO G 45 -24.17 -1.69 -1.97
C PRO G 45 -24.65 -2.28 -3.30
N VAL G 46 -25.88 -1.95 -3.66
CA VAL G 46 -26.52 -2.47 -4.87
C VAL G 46 -26.61 -1.32 -5.87
N THR G 47 -25.99 -1.50 -7.03
CA THR G 47 -25.95 -0.45 -8.05
C THR G 47 -27.35 -0.17 -8.58
N ILE G 48 -27.77 1.09 -8.54
CA ILE G 48 -29.05 1.48 -9.12
C ILE G 48 -28.88 2.30 -10.39
N PHE G 49 -27.70 2.86 -10.64
CA PHE G 49 -27.43 3.65 -11.82
C PHE G 49 -25.98 3.48 -12.23
N LEU G 50 -25.76 3.38 -13.55
CA LEU G 50 -24.46 3.14 -14.13
C LEU G 50 -24.30 4.06 -15.33
N ARG G 51 -23.21 4.82 -15.38
CA ARG G 51 -22.87 5.63 -16.55
C ARG G 51 -21.51 5.17 -17.05
N ASP G 52 -21.48 4.63 -18.26
CA ASP G 52 -20.23 4.22 -18.87
C ASP G 52 -20.19 4.82 -20.28
N SER G 53 -19.31 4.28 -21.13
CA SER G 53 -19.13 4.83 -22.46
C SER G 53 -20.37 4.64 -23.33
N SER G 54 -21.18 3.63 -23.05
CA SER G 54 -22.38 3.37 -23.84
C SER G 54 -23.60 4.17 -23.38
N GLY G 55 -23.49 4.94 -22.28
CA GLY G 55 -24.56 5.83 -21.88
C GLY G 55 -24.96 5.57 -20.44
N ASP G 56 -26.20 5.95 -20.13
CA ASP G 56 -26.75 5.86 -18.79
C ASP G 56 -27.63 4.62 -18.69
N HIS G 57 -27.60 3.94 -17.54
CA HIS G 57 -28.29 2.67 -17.38
C HIS G 57 -28.92 2.63 -15.99
N ILE G 58 -30.25 2.60 -15.94
CA ILE G 58 -30.96 2.39 -14.68
C ILE G 58 -31.13 0.89 -14.48
N GLN G 59 -30.78 0.41 -13.29
CA GLN G 59 -30.60 -1.02 -13.03
C GLN G 59 -31.85 -1.72 -12.48
N GLN G 60 -32.87 -0.99 -12.04
CA GLN G 60 -34.11 -1.61 -11.58
C GLN G 60 -35.29 -0.83 -12.13
N ALA G 61 -36.36 -1.57 -12.46
CA ALA G 61 -37.51 -0.95 -13.12
C ALA G 61 -38.14 0.12 -12.26
N LYS G 62 -38.16 -0.06 -10.93
CA LYS G 62 -38.79 0.90 -10.04
C LYS G 62 -38.22 2.31 -10.18
N TYR G 63 -36.99 2.45 -10.69
CA TYR G 63 -36.40 3.77 -10.88
C TYR G 63 -36.60 4.31 -12.28
N GLN G 64 -37.16 3.51 -13.19
CA GLN G 64 -37.39 4.00 -14.54
C GLN G 64 -38.31 5.21 -14.48
N GLY G 65 -37.92 6.28 -15.16
CA GLY G 65 -38.68 7.50 -15.13
C GLY G 65 -38.65 8.26 -13.80
N ARG G 66 -37.86 7.80 -12.82
CA ARG G 66 -37.70 8.50 -11.55
C ARG G 66 -36.28 9.00 -11.30
N LEU G 67 -35.30 8.59 -12.09
CA LEU G 67 -33.89 8.76 -11.74
C LEU G 67 -33.16 9.47 -12.87
N HIS G 68 -32.39 10.51 -12.52
N HIS G 68 -32.38 10.50 -12.51
CA HIS G 68 -31.59 11.29 -13.46
CA HIS G 68 -31.59 11.28 -13.45
C HIS G 68 -30.30 11.68 -12.77
C HIS G 68 -30.30 11.68 -12.77
N VAL G 69 -29.20 11.69 -13.53
CA VAL G 69 -27.88 12.07 -13.03
C VAL G 69 -27.34 13.20 -13.87
N SER G 70 -26.89 14.26 -13.21
CA SER G 70 -26.33 15.40 -13.91
C SER G 70 -25.18 14.97 -14.81
N HIS G 71 -25.06 15.66 -15.94
CA HIS G 71 -24.03 15.32 -16.92
C HIS G 71 -23.57 16.53 -17.72
N LYS G 72 -24.06 17.72 -17.40
CA LYS G 72 -23.74 18.90 -18.20
C LYS G 72 -22.32 19.38 -17.94
N VAL G 73 -21.94 19.53 -16.67
CA VAL G 73 -20.64 20.12 -16.37
C VAL G 73 -19.72 19.06 -15.76
N PRO G 74 -18.45 19.05 -16.11
CA PRO G 74 -17.53 18.05 -15.55
C PRO G 74 -17.39 18.22 -14.05
N GLY G 75 -17.37 17.10 -13.34
CA GLY G 75 -17.27 17.10 -11.90
C GLY G 75 -18.57 17.22 -11.14
N ASP G 76 -19.72 17.19 -11.83
CA ASP G 76 -21.02 17.18 -11.18
C ASP G 76 -21.81 15.97 -11.66
N VAL G 77 -21.94 14.97 -10.79
CA VAL G 77 -22.64 13.73 -11.10
C VAL G 77 -23.76 13.51 -10.07
N SER G 78 -24.41 14.60 -9.66
CA SER G 78 -25.48 14.53 -8.67
C SER G 78 -26.64 13.69 -9.19
N LEU G 79 -27.33 13.01 -8.27
CA LEU G 79 -28.47 12.15 -8.56
C LEU G 79 -29.76 12.86 -8.18
N GLN G 80 -30.72 12.93 -9.10
CA GLN G 80 -32.06 13.44 -8.81
C GLN G 80 -33.04 12.28 -8.82
N LEU G 81 -33.88 12.21 -7.78
CA LEU G 81 -34.92 11.20 -7.63
C LEU G 81 -36.26 11.90 -7.54
N SER G 82 -37.25 11.45 -8.32
CA SER G 82 -38.56 12.07 -8.30
C SER G 82 -39.57 11.11 -7.67
N THR G 83 -40.67 11.69 -7.19
CA THR G 83 -41.75 10.96 -6.50
C THR G 83 -41.20 10.01 -5.44
N LEU G 84 -40.64 10.62 -4.40
CA LEU G 84 -40.03 9.83 -3.33
C LEU G 84 -41.07 8.98 -2.59
N GLU G 85 -40.70 7.74 -2.34
CA GLU G 85 -41.47 6.83 -1.50
C GLU G 85 -40.76 6.70 -0.16
N MET G 86 -41.52 6.28 0.85
CA MET G 86 -40.90 6.05 2.15
C MET G 86 -39.80 4.99 2.03
N ASP G 87 -39.96 4.06 1.09
CA ASP G 87 -38.99 3.02 0.82
C ASP G 87 -37.67 3.56 0.24
N ASP G 88 -37.66 4.79 -0.27
CA ASP G 88 -36.42 5.39 -0.79
C ASP G 88 -35.48 5.89 0.30
N ARG G 89 -35.94 6.00 1.55
CA ARG G 89 -35.03 6.19 2.67
C ARG G 89 -33.96 5.11 2.65
N SER G 90 -32.70 5.51 2.63
CA SER G 90 -31.56 4.60 2.47
C SER G 90 -30.27 5.40 2.50
N HIS G 91 -29.16 4.67 2.60
CA HIS G 91 -27.85 5.24 2.36
C HIS G 91 -27.45 5.04 0.90
N TYR G 92 -27.11 6.14 0.23
CA TYR G 92 -26.77 6.14 -1.18
C TYR G 92 -25.29 6.44 -1.34
N THR G 93 -24.60 5.65 -2.16
CA THR G 93 -23.18 5.84 -2.42
C THR G 93 -23.00 6.36 -3.83
N CYS G 94 -22.23 7.44 -3.98
CA CYS G 94 -21.76 7.93 -5.26
C CYS G 94 -20.35 7.40 -5.49
N GLU G 95 -20.13 6.72 -6.62
CA GLU G 95 -18.85 6.09 -6.90
C GLU G 95 -18.36 6.51 -8.29
N VAL G 96 -17.18 7.14 -8.34
CA VAL G 96 -16.61 7.62 -9.59
C VAL G 96 -15.26 6.94 -9.81
N THR G 97 -15.01 6.52 -11.05
CA THR G 97 -13.77 5.92 -11.49
C THR G 97 -13.13 6.82 -12.54
N TRP G 98 -11.84 7.09 -12.38
CA TRP G 98 -11.06 7.88 -13.31
C TRP G 98 -9.94 7.04 -13.89
N GLN G 99 -9.43 7.45 -15.06
CA GLN G 99 -8.30 6.78 -15.69
C GLN G 99 -7.18 7.80 -15.89
N THR G 100 -5.96 7.41 -15.52
CA THR G 100 -4.79 8.25 -15.72
C THR G 100 -4.18 7.95 -17.08
N PRO G 101 -3.26 8.79 -17.58
CA PRO G 101 -2.72 8.57 -18.94
C PRO G 101 -2.11 7.20 -19.17
N ASP G 102 -1.56 6.54 -18.13
CA ASP G 102 -0.97 5.22 -18.29
C ASP G 102 -1.97 4.07 -18.29
N GLY G 103 -3.27 4.36 -18.16
CA GLY G 103 -4.31 3.36 -18.19
C GLY G 103 -4.80 2.89 -16.83
N ASN G 104 -4.07 3.19 -15.77
CA ASN G 104 -4.50 2.83 -14.42
C ASN G 104 -5.75 3.60 -14.02
N GLN G 105 -6.54 3.00 -13.14
CA GLN G 105 -7.82 3.56 -12.73
C GLN G 105 -7.86 3.76 -11.22
N VAL G 106 -8.50 4.85 -10.81
CA VAL G 106 -8.64 5.22 -9.42
C VAL G 106 -10.13 5.36 -9.13
N VAL G 107 -10.56 4.85 -7.97
CA VAL G 107 -11.97 4.87 -7.58
C VAL G 107 -12.10 5.64 -6.27
N ARG G 108 -13.13 6.49 -6.17
CA ARG G 108 -13.51 7.09 -4.90
C ARG G 108 -15.01 7.01 -4.76
N ASP G 109 -15.47 6.98 -3.51
CA ASP G 109 -16.90 6.93 -3.26
C ASP G 109 -17.22 7.72 -1.99
N LYS G 110 -18.52 7.97 -1.78
CA LYS G 110 -18.95 8.70 -0.59
C LYS G 110 -20.46 8.51 -0.39
N ILE G 111 -20.88 8.42 0.86
CA ILE G 111 -22.23 8.03 1.24
C ILE G 111 -23.02 9.26 1.70
N THR G 112 -24.28 9.33 1.29
CA THR G 112 -25.25 10.26 1.88
C THR G 112 -26.43 9.47 2.42
N GLU G 113 -27.10 10.02 3.43
CA GLU G 113 -28.32 9.42 3.94
C GLU G 113 -29.48 10.24 3.40
N LEU G 114 -30.37 9.60 2.65
CA LEU G 114 -31.57 10.29 2.16
C LEU G 114 -32.71 10.04 3.14
N ARG G 115 -33.30 11.11 3.65
CA ARG G 115 -34.47 11.03 4.50
C ARG G 115 -35.67 11.54 3.72
N VAL G 116 -36.83 10.95 4.00
CA VAL G 116 -38.05 11.32 3.29
C VAL G 116 -39.09 11.66 4.35
N GLN G 117 -39.65 12.87 4.28
CA GLN G 117 -40.61 13.29 5.29
C GLN G 117 -41.85 13.88 4.65
N LYS G 118 -42.97 13.70 5.32
CA LYS G 118 -44.26 14.16 4.83
C LYS G 118 -44.33 15.69 4.79
N ALA G 119 -45.48 16.20 4.40
CA ALA G 119 -45.69 17.65 4.38
C ALA G 119 -45.86 18.19 5.80
N GLN H 1 -23.75 17.77 18.63
CA GLN H 1 -22.34 17.74 18.22
C GLN H 1 -21.82 16.30 18.20
N VAL H 2 -20.63 16.11 17.63
CA VAL H 2 -19.98 14.81 17.54
C VAL H 2 -18.79 14.81 18.48
N GLN H 3 -18.65 13.74 19.26
CA GLN H 3 -17.49 13.55 20.13
C GLN H 3 -16.90 12.20 19.77
N LEU H 4 -15.60 12.18 19.46
CA LEU H 4 -14.82 10.97 19.30
C LEU H 4 -13.78 11.00 20.40
N VAL H 5 -13.72 9.96 21.22
CA VAL H 5 -12.84 9.99 22.39
C VAL H 5 -12.01 8.72 22.39
N GLU H 6 -10.69 8.89 22.31
CA GLU H 6 -9.74 7.79 22.34
C GLU H 6 -9.31 7.52 23.78
N SER H 7 -9.12 6.25 24.11
CA SER H 7 -8.58 5.87 25.41
C SER H 7 -7.85 4.55 25.24
N GLY H 8 -7.13 4.15 26.29
CA GLY H 8 -6.38 2.92 26.31
C GLY H 8 -4.90 3.04 25.98
N GLY H 9 -4.40 4.26 25.77
CA GLY H 9 -3.00 4.48 25.45
C GLY H 9 -2.14 4.55 26.69
N GLY H 10 -0.86 4.84 26.46
CA GLY H 10 0.11 4.98 27.54
C GLY H 10 1.47 4.46 27.14
N LEU H 11 2.24 4.11 28.16
CA LEU H 11 3.63 3.65 28.08
C LEU H 11 3.70 2.14 28.25
N VAL H 12 4.22 1.44 27.25
CA VAL H 12 4.45 -0.01 27.31
C VAL H 12 5.88 -0.30 26.90
N GLN H 13 6.31 -1.53 27.19
CA GLN H 13 7.59 -2.04 26.74
C GLN H 13 7.44 -2.73 25.39
N ALA H 14 8.52 -2.71 24.62
CA ALA H 14 8.58 -3.45 23.37
C ALA H 14 8.18 -4.90 23.60
N GLY H 15 7.38 -5.43 22.68
CA GLY H 15 6.80 -6.75 22.82
C GLY H 15 5.46 -6.76 23.51
N GLY H 16 5.08 -5.68 24.19
CA GLY H 16 3.84 -5.62 24.91
C GLY H 16 2.65 -5.39 24.00
N SER H 17 1.51 -5.10 24.64
CA SER H 17 0.27 -4.87 23.90
C SER H 17 -0.55 -3.77 24.56
N LEU H 18 -1.44 -3.18 23.78
CA LEU H 18 -2.33 -2.12 24.21
C LEU H 18 -3.62 -2.26 23.41
N ARG H 19 -4.75 -1.91 24.02
CA ARG H 19 -6.01 -1.88 23.28
C ARG H 19 -6.53 -0.47 23.29
N LEU H 20 -6.51 0.19 22.14
CA LEU H 20 -7.12 1.50 22.03
C LEU H 20 -8.62 1.37 21.78
N SER H 21 -9.39 2.29 22.34
CA SER H 21 -10.80 2.35 22.00
C SER H 21 -11.14 3.78 21.63
N CYS H 22 -12.10 3.91 20.73
CA CYS H 22 -12.60 5.21 20.31
C CYS H 22 -14.11 5.16 20.45
N ALA H 23 -14.63 5.90 21.42
CA ALA H 23 -16.06 5.93 21.67
C ALA H 23 -16.65 7.13 20.95
N ALA H 24 -17.69 6.89 20.18
CA ALA H 24 -18.28 7.88 19.29
C ALA H 24 -19.71 8.18 19.73
N SER H 25 -20.11 9.43 19.56
CA SER H 25 -21.46 9.82 19.92
C SER H 25 -21.84 11.07 19.13
N GLY H 26 -23.14 11.17 18.84
CA GLY H 26 -23.68 12.27 18.06
C GLY H 26 -24.30 11.83 16.75
N ARG H 27 -23.92 10.66 16.24
CA ARG H 27 -24.47 10.11 15.01
C ARG H 27 -24.56 8.59 15.17
N THR H 28 -25.36 7.96 14.32
CA THR H 28 -25.39 6.50 14.24
C THR H 28 -24.17 6.07 13.42
N PHE H 29 -23.10 5.70 14.13
CA PHE H 29 -21.79 5.52 13.51
C PHE H 29 -21.68 4.25 12.70
N SER H 30 -22.68 3.37 12.75
CA SER H 30 -22.65 2.14 11.97
C SER H 30 -22.54 2.43 10.48
N SER H 31 -23.01 3.59 10.04
N SER H 31 -23.03 3.58 10.03
CA SER H 31 -23.00 4.02 8.65
CA SER H 31 -22.99 3.98 8.63
C SER H 31 -21.73 4.75 8.25
C SER H 31 -21.73 4.77 8.26
N TYR H 32 -20.74 4.83 9.14
CA TYR H 32 -19.50 5.57 8.88
C TYR H 32 -18.31 4.61 8.81
N GLY H 33 -17.37 4.91 7.91
CA GLY H 33 -16.07 4.25 7.97
C GLY H 33 -15.24 4.90 9.08
N MET H 34 -14.63 4.06 9.92
CA MET H 34 -13.80 4.55 11.01
C MET H 34 -12.34 4.21 10.80
N GLY H 35 -11.47 5.16 11.13
CA GLY H 35 -10.06 5.02 10.83
C GLY H 35 -9.21 5.40 12.03
N TRP H 36 -8.04 4.76 12.11
CA TRP H 36 -6.98 5.15 13.03
C TRP H 36 -5.81 5.71 12.24
N PHE H 37 -5.31 6.87 12.67
CA PHE H 37 -4.12 7.50 12.11
C PHE H 37 -3.15 7.73 13.26
N ARG H 38 -1.87 7.92 12.93
CA ARG H 38 -0.91 8.20 13.98
C ARG H 38 0.12 9.20 13.49
N GLN H 39 0.71 9.94 14.45
CA GLN H 39 1.73 10.92 14.11
C GLN H 39 2.75 11.00 15.25
N ALA H 40 3.98 10.83 14.93
CA ALA H 40 5.19 10.91 15.75
C ALA H 40 5.91 12.23 15.50
N PRO H 41 6.65 12.77 16.47
CA PRO H 41 7.21 14.12 16.31
C PRO H 41 8.17 14.18 15.14
N GLY H 42 8.10 15.29 14.39
CA GLY H 42 8.91 15.48 13.20
C GLY H 42 8.45 14.74 11.96
N LYS H 43 7.36 13.97 12.04
CA LYS H 43 6.87 13.16 10.94
C LYS H 43 5.45 13.58 10.57
N GLU H 44 5.05 13.25 9.34
CA GLU H 44 3.67 13.54 8.94
C GLU H 44 2.71 12.48 9.49
N ARG H 45 1.45 12.88 9.62
CA ARG H 45 0.43 11.94 10.08
C ARG H 45 0.22 10.85 9.05
N GLU H 46 0.00 9.61 9.50
CA GLU H 46 -0.03 8.48 8.58
C GLU H 46 -1.14 7.50 8.94
N PHE H 47 -1.58 6.77 7.92
CA PHE H 47 -2.65 5.78 8.09
C PHE H 47 -2.16 4.59 8.90
N VAL H 48 -3.04 4.05 9.77
CA VAL H 48 -2.77 2.84 10.54
C VAL H 48 -3.74 1.74 10.15
N ALA H 49 -5.02 1.97 10.37
CA ALA H 49 -6.02 0.96 10.04
C ALA H 49 -7.37 1.63 9.91
N ALA H 50 -8.28 0.92 9.24
CA ALA H 50 -9.64 1.42 9.06
C ALA H 50 -10.59 0.24 9.00
N ILE H 51 -11.86 0.55 9.27
CA ILE H 51 -12.94 -0.41 9.15
C ILE H 51 -14.12 0.31 8.49
N GLY H 52 -14.64 -0.28 7.42
CA GLY H 52 -15.64 0.38 6.62
C GLY H 52 -17.03 0.34 7.25
N PRO H 53 -17.91 1.15 6.69
CA PRO H 53 -19.29 1.21 7.21
C PRO H 53 -20.03 -0.08 6.91
N PHE H 54 -21.17 -0.26 7.58
CA PHE H 54 -22.08 -1.35 7.31
C PHE H 54 -21.45 -2.71 7.65
N GLY H 55 -21.00 -3.47 6.64
CA GLY H 55 -20.41 -4.77 6.93
C GLY H 55 -19.06 -4.74 7.63
N GLY H 56 -18.34 -3.62 7.57
CA GLY H 56 -17.11 -3.54 8.34
C GLY H 56 -15.91 -4.31 7.78
N THR H 57 -15.64 -4.15 6.49
CA THR H 57 -14.36 -4.55 5.89
C THR H 57 -13.20 -3.84 6.58
N THR H 58 -12.07 -4.54 6.76
CA THR H 58 -10.94 -3.94 7.46
C THR H 58 -9.74 -3.74 6.54
N TYR H 59 -8.88 -2.78 6.92
CA TYR H 59 -7.77 -2.28 6.13
C TYR H 59 -6.60 -1.98 7.07
N TYR H 60 -5.37 -2.32 6.65
CA TYR H 60 -4.18 -2.10 7.48
C TYR H 60 -3.03 -1.51 6.68
N ALA H 61 -2.30 -0.59 7.29
CA ALA H 61 -1.01 -0.17 6.76
C ALA H 61 -0.01 -1.32 6.84
N ASP H 62 0.91 -1.38 5.87
CA ASP H 62 1.95 -2.42 5.88
C ASP H 62 2.72 -2.45 7.20
N SER H 63 2.82 -1.31 7.87
CA SER H 63 3.64 -1.20 9.08
C SER H 63 3.01 -1.91 10.28
N VAL H 64 1.72 -2.25 10.23
CA VAL H 64 1.04 -2.82 11.39
C VAL H 64 0.29 -4.10 11.05
N LYS H 65 0.18 -4.42 9.75
CA LYS H 65 -0.57 -5.61 9.37
C LYS H 65 0.01 -6.84 10.05
N GLY H 66 -0.88 -7.69 10.58
CA GLY H 66 -0.46 -8.91 11.28
C GLY H 66 -0.19 -8.72 12.77
N ARG H 67 -0.03 -7.47 13.21
CA ARG H 67 0.14 -7.18 14.64
C ARG H 67 -1.03 -6.42 15.24
N PHE H 68 -1.68 -5.54 14.48
CA PHE H 68 -2.82 -4.78 14.98
C PHE H 68 -4.12 -5.34 14.42
N THR H 69 -5.20 -5.17 15.18
CA THR H 69 -6.52 -5.61 14.76
C THR H 69 -7.54 -4.53 15.07
N ILE H 70 -8.25 -4.08 14.03
CA ILE H 70 -9.30 -3.08 14.20
C ILE H 70 -10.64 -3.80 14.18
N SER H 71 -11.55 -3.38 15.05
CA SER H 71 -12.90 -3.93 15.07
C SER H 71 -13.84 -2.85 15.58
N ARG H 72 -15.13 -3.14 15.54
CA ARG H 72 -16.13 -2.17 15.98
C ARG H 72 -17.28 -2.89 16.65
N ASP H 73 -17.85 -2.25 17.68
CA ASP H 73 -19.04 -2.75 18.36
C ASP H 73 -20.08 -1.66 18.19
N ASN H 74 -20.95 -1.83 17.20
CA ASN H 74 -21.92 -0.79 16.84
C ASN H 74 -22.95 -0.59 17.94
N ALA H 75 -23.20 -1.61 18.76
CA ALA H 75 -24.11 -1.45 19.88
C ALA H 75 -23.55 -0.50 20.92
N LYS H 76 -22.21 -0.39 21.00
CA LYS H 76 -21.54 0.50 21.94
C LYS H 76 -20.94 1.73 21.27
N ASN H 77 -21.14 1.92 19.97
CA ASN H 77 -20.60 3.07 19.25
C ASN H 77 -19.08 3.20 19.46
N THR H 78 -18.39 2.07 19.39
CA THR H 78 -16.97 2.03 19.72
C THR H 78 -16.21 1.27 18.66
N VAL H 79 -15.06 1.81 18.25
CA VAL H 79 -14.11 1.11 17.40
C VAL H 79 -12.88 0.83 18.25
N TYR H 80 -12.30 -0.36 18.09
CA TYR H 80 -11.15 -0.81 18.86
C TYR H 80 -9.95 -0.96 17.95
N LEU H 81 -8.75 -0.69 18.49
CA LEU H 81 -7.50 -1.05 17.83
C LEU H 81 -6.69 -1.88 18.82
N GLN H 82 -6.67 -3.20 18.62
CA GLN H 82 -5.82 -4.08 19.42
C GLN H 82 -4.41 -4.01 18.84
N MET H 83 -3.44 -3.59 19.65
CA MET H 83 -2.05 -3.47 19.21
C MET H 83 -1.17 -4.48 19.94
N ASN H 84 -0.78 -5.54 19.23
CA ASN H 84 0.08 -6.59 19.75
C ASN H 84 1.50 -6.48 19.21
N SER H 85 2.43 -7.14 19.90
N SER H 85 2.41 -7.10 19.95
CA SER H 85 3.85 -7.15 19.52
CA SER H 85 3.84 -7.17 19.62
C SER H 85 4.35 -5.74 19.17
C SER H 85 4.36 -5.79 19.21
N LEU H 86 4.10 -4.82 20.09
CA LEU H 86 4.45 -3.43 19.87
C LEU H 86 5.96 -3.24 19.82
N LYS H 87 6.39 -2.22 19.09
CA LYS H 87 7.78 -1.92 18.84
C LYS H 87 8.00 -0.44 19.04
N PRO H 88 9.25 -0.01 19.30
CA PRO H 88 9.49 1.41 19.59
C PRO H 88 9.02 2.34 18.47
N GLU H 89 9.05 1.89 17.22
CA GLU H 89 8.67 2.74 16.12
C GLU H 89 7.15 2.89 16.00
N ASP H 90 6.38 2.18 16.83
CA ASP H 90 4.95 2.44 16.92
C ASP H 90 4.63 3.63 17.81
N THR H 91 5.64 4.23 18.45
CA THR H 91 5.41 5.39 19.31
C THR H 91 4.87 6.56 18.49
N ALA H 92 3.76 7.14 18.98
CA ALA H 92 3.04 8.18 18.24
C ALA H 92 1.82 8.60 19.05
N VAL H 93 1.24 9.74 18.66
CA VAL H 93 -0.14 10.05 19.01
C VAL H 93 -1.07 9.34 18.03
N TYR H 94 -2.03 8.59 18.55
CA TYR H 94 -3.01 7.87 17.73
C TYR H 94 -4.35 8.60 17.75
N TYR H 95 -4.85 8.89 16.55
CA TYR H 95 -6.09 9.62 16.33
C TYR H 95 -7.14 8.70 15.72
N CYS H 96 -8.36 8.80 16.25
CA CYS H 96 -9.54 8.14 15.70
C CYS H 96 -10.29 9.13 14.81
N ALA H 97 -10.88 8.64 13.72
CA ALA H 97 -11.55 9.52 12.76
C ALA H 97 -12.71 8.80 12.10
N ALA H 98 -13.72 9.57 11.69
CA ALA H 98 -14.92 9.02 11.07
C ALA H 98 -15.14 9.69 9.71
N GLY H 99 -15.53 8.89 8.72
CA GLY H 99 -15.72 9.38 7.38
C GLY H 99 -16.87 8.67 6.70
N ARG H 100 -17.23 9.16 5.53
CA ARG H 100 -18.37 8.62 4.79
C ARG H 100 -17.96 7.97 3.49
N TRP H 101 -16.68 7.62 3.34
CA TRP H 101 -16.28 6.68 2.32
C TRP H 101 -16.91 5.32 2.58
N ASN H 102 -17.06 4.53 1.52
CA ASN H 102 -17.70 3.22 1.61
C ASN H 102 -16.66 2.12 1.37
N ARG H 103 -16.17 2.00 0.16
CA ARG H 103 -15.23 0.93 -0.20
C ARG H 103 -13.89 1.46 -0.69
N TYR H 104 -13.70 2.77 -0.77
CA TYR H 104 -12.49 3.33 -1.37
C TYR H 104 -12.03 4.56 -0.62
N GLY H 105 -10.75 4.87 -0.78
CA GLY H 105 -10.18 6.09 -0.24
C GLY H 105 -10.02 6.12 1.26
N GLU H 106 -9.98 4.94 1.92
CA GLU H 106 -9.99 4.92 3.38
C GLU H 106 -8.70 5.41 4.00
N GLN H 107 -7.65 5.56 3.21
CA GLN H 107 -6.38 6.03 3.77
C GLN H 107 -6.17 7.52 3.57
N ASP H 108 -7.09 8.20 2.90
CA ASP H 108 -6.93 9.62 2.60
C ASP H 108 -7.56 10.43 3.72
N GLN H 109 -6.72 11.15 4.45
CA GLN H 109 -7.19 11.95 5.58
C GLN H 109 -8.21 12.99 5.15
N TYR H 110 -8.22 13.40 3.89
CA TYR H 110 -9.23 14.35 3.43
C TYR H 110 -10.58 13.70 3.27
N ASN H 111 -10.66 12.38 3.34
CA ASN H 111 -11.90 11.64 3.21
C ASN H 111 -12.60 11.42 4.55
N TYR H 112 -12.13 12.02 5.62
CA TYR H 112 -12.77 11.87 6.91
C TYR H 112 -13.44 13.18 7.32
N GLU H 113 -14.50 13.06 8.13
N GLU H 113 -14.54 13.07 8.07
CA GLU H 113 -15.37 14.18 8.50
CA GLU H 113 -15.28 14.23 8.52
C GLU H 113 -15.22 14.65 9.94
C GLU H 113 -14.88 14.66 9.93
N TYR H 114 -14.95 13.73 10.88
CA TYR H 114 -14.82 14.06 12.30
C TYR H 114 -13.56 13.44 12.84
N TRP H 115 -12.85 14.19 13.68
CA TRP H 115 -11.53 13.82 14.18
C TRP H 115 -11.49 13.80 15.69
N GLY H 116 -10.90 12.75 16.24
CA GLY H 116 -10.52 12.75 17.63
C GLY H 116 -9.29 13.62 17.83
N GLN H 117 -9.02 13.94 19.08
CA GLN H 117 -7.83 14.75 19.36
C GLN H 117 -6.61 13.91 19.72
N GLY H 118 -6.74 12.60 19.77
CA GLY H 118 -5.58 11.72 19.83
C GLY H 118 -5.20 11.33 21.24
N THR H 119 -4.52 10.18 21.35
CA THR H 119 -3.96 9.74 22.62
C THR H 119 -2.57 9.17 22.40
N GLN H 120 -1.68 9.43 23.37
CA GLN H 120 -0.28 9.07 23.24
C GLN H 120 -0.08 7.59 23.50
N VAL H 121 0.74 6.98 22.66
CA VAL H 121 1.24 5.62 22.83
C VAL H 121 2.75 5.71 22.79
N THR H 122 3.41 5.20 23.82
CA THR H 122 4.87 5.19 23.83
C THR H 122 5.35 3.77 24.08
N VAL H 123 6.27 3.31 23.25
CA VAL H 123 6.83 1.97 23.36
C VAL H 123 8.32 2.11 23.59
N SER H 124 8.78 1.66 24.77
CA SER H 124 10.20 1.72 25.10
C SER H 124 10.89 0.40 24.71
N SER H 125 12.17 0.51 24.40
CA SER H 125 12.97 -0.67 24.09
C SER H 125 13.63 -1.25 25.33
C1 EDO I . 17.09 36.74 2.08
O1 EDO I . 17.00 35.62 2.97
C2 EDO I . 15.89 37.65 2.30
O2 EDO I . 15.89 38.08 3.67
C1 EDO J . -11.08 31.89 -4.09
O1 EDO J . -12.41 31.37 -4.20
C2 EDO J . -10.31 31.07 -3.07
O2 EDO J . -9.08 31.74 -2.79
C1 EDO K . -9.51 -25.73 -30.87
O1 EDO K . -9.44 -27.13 -30.57
C2 EDO K . -10.91 -25.24 -30.55
O2 EDO K . -11.16 -25.39 -29.15
C1 EDO L . 25.12 2.88 14.27
O1 EDO L . 26.24 2.06 13.93
C2 EDO L . 24.29 2.18 15.34
O2 EDO L . 25.11 1.97 16.49
C1 EDO M . 23.05 -9.51 14.89
O1 EDO M . 23.49 -8.74 13.76
C2 EDO M . 22.07 -8.71 15.74
O2 EDO M . 22.70 -7.51 16.26
C1 EDO N . -2.07 -13.88 18.56
O1 EDO N . -2.98 -12.83 18.23
C2 EDO N . -2.74 -15.18 18.21
O2 EDO N . -2.85 -15.98 19.40
C1 EDO O . -18.02 8.26 -17.53
O1 EDO O . -18.64 9.51 -17.87
C2 EDO O . -18.37 7.25 -18.63
O2 EDO O . -18.11 7.85 -19.91
C1 EDO P . -23.76 10.44 -21.27
O1 EDO P . -24.65 11.24 -20.46
C2 EDO P . -23.48 9.10 -20.61
O2 EDO P . -22.22 8.56 -21.06
C1 EDO Q . -33.17 -2.01 -5.34
O1 EDO Q . -33.70 -1.08 -4.37
C2 EDO Q . -32.17 -2.92 -4.64
O2 EDO Q . -32.82 -3.62 -3.58
C1 PEG R . -15.36 0.56 -11.04
O1 PEG R . -14.12 1.21 -11.23
C2 PEG R . -15.56 0.13 -9.61
O2 PEG R . -16.58 -0.85 -9.57
C3 PEG R . -16.41 -1.78 -8.52
C4 PEG R . -16.80 -1.15 -7.22
O4 PEG R . -18.20 -0.90 -7.20
C1 EDO S . -18.13 18.17 9.83
O1 EDO S . -18.62 19.43 9.34
C2 EDO S . -18.90 17.04 9.16
O2 EDO S . -18.60 16.99 7.76
#